data_4FRW
#
_entry.id   4FRW
#
_cell.length_a   85.971
_cell.length_b   142.809
_cell.length_c   341.802
_cell.angle_alpha   90.00
_cell.angle_beta   90.00
_cell.angle_gamma   90.00
#
_symmetry.space_group_name_H-M   'C 2 2 21'
#
_entity_poly.entity_id   1
_entity_poly.type   'polypeptide(L)'
_entity_poly.pdbx_seq_one_letter_code
;GELETSDVVTVVLGQDAKLPCFYRGDSGEQVGQVAWARVDAGEGAQELALLHSKYGLHVSPAYEGRVEQPPPPRNPLDGS
VLLRNAVQADEGEYECRVSTFPAGSFQARLRLRVLVPPLPSLNPGPALEEGQGLTLAASCTAEGSPAPSVTWDTEVKGTT
SSRSFKHSRSAAVTSEFHLVPSRSMNGQPLTCVVSHPGLLQDQRITHILHVSHHHHHH
;
_entity_poly.pdbx_strand_id   A,B,C,D,E,F
#
# COMPACT_ATOMS: atom_id res chain seq x y z
N GLY A 1 -8.15 35.64 50.44
CA GLY A 1 -6.66 35.76 50.37
C GLY A 1 -5.94 34.45 50.12
N GLU A 2 -6.02 33.91 48.90
CA GLU A 2 -5.51 32.57 48.65
C GLU A 2 -4.19 32.57 47.86
N LEU A 3 -3.79 31.39 47.44
CA LEU A 3 -2.44 31.14 46.94
C LEU A 3 -2.38 30.72 45.48
N GLU A 4 -1.96 31.63 44.61
CA GLU A 4 -1.93 31.39 43.18
C GLU A 4 -0.69 30.62 42.75
N THR A 5 -0.90 29.63 41.88
CA THR A 5 0.18 28.85 41.31
C THR A 5 -0.35 28.17 40.07
N SER A 6 0.55 27.81 39.16
CA SER A 6 0.20 27.01 37.99
C SER A 6 -0.14 25.56 38.36
N ASP A 7 -0.82 24.85 37.47
CA ASP A 7 -1.20 23.46 37.78
C ASP A 7 -0.15 22.52 37.25
N VAL A 8 0.33 22.80 36.05
CA VAL A 8 1.49 22.09 35.55
C VAL A 8 2.34 22.93 34.58
N VAL A 9 3.62 23.05 34.87
CA VAL A 9 4.54 23.88 34.11
C VAL A 9 5.20 23.05 33.06
N THR A 10 5.44 23.63 31.90
CA THR A 10 6.00 22.89 30.74
C THR A 10 7.14 23.61 30.10
N VAL A 11 8.28 22.94 30.05
CA VAL A 11 9.43 23.46 29.35
C VAL A 11 9.97 22.45 28.38
N VAL A 12 10.64 22.93 27.35
CA VAL A 12 11.43 22.03 26.50
C VAL A 12 12.83 21.93 27.08
N LEU A 13 13.47 20.81 26.83
CA LEU A 13 14.79 20.54 27.36
C LEU A 13 15.71 21.73 27.20
N GLY A 14 16.47 22.04 28.24
CA GLY A 14 17.46 23.13 28.21
C GLY A 14 16.94 24.54 28.45
N GLN A 15 15.62 24.69 28.46
CA GLN A 15 15.00 25.97 28.79
C GLN A 15 14.93 26.15 30.28
N ASP A 16 14.82 27.39 30.75
CA ASP A 16 14.66 27.63 32.19
C ASP A 16 13.20 27.50 32.56
N ALA A 17 12.92 26.84 33.68
CA ALA A 17 11.57 26.59 34.13
C ALA A 17 11.26 27.62 35.16
N LYS A 18 10.12 28.28 35.03
CA LYS A 18 9.71 29.24 36.03
C LYS A 18 8.65 28.57 36.88
N LEU A 19 8.98 28.29 38.13
CA LEU A 19 8.02 27.73 39.06
C LEU A 19 7.25 28.88 39.78
N PRO A 20 5.94 29.11 39.47
CA PRO A 20 4.98 30.06 40.06
C PRO A 20 4.57 29.72 41.49
N CYS A 21 4.66 30.70 42.37
CA CYS A 21 4.12 30.63 43.75
C CYS A 21 3.94 32.05 44.30
N PHE A 22 2.75 32.60 44.13
CA PHE A 22 2.50 34.00 44.44
C PHE A 22 1.30 34.02 45.34
N TYR A 23 1.47 34.56 46.56
CA TYR A 23 0.38 34.63 47.51
C TYR A 23 -0.31 35.96 47.32
N ARG A 24 -1.53 35.88 46.80
CA ARG A 24 -2.27 37.05 46.44
C ARG A 24 -3.08 37.38 47.66
N GLY A 25 -2.44 38.17 48.52
CA GLY A 25 -2.91 38.52 49.82
C GLY A 25 -3.47 39.92 49.71
N ASP A 26 -4.34 40.26 50.64
CA ASP A 26 -4.87 41.57 50.66
C ASP A 26 -4.10 42.41 51.69
N SER A 27 -4.64 43.61 51.90
CA SER A 27 -3.96 44.78 52.45
C SER A 27 -3.34 44.58 53.80
N GLY A 28 -3.83 43.63 54.58
CA GLY A 28 -3.34 43.37 55.91
C GLY A 28 -2.43 42.18 56.13
N GLU A 29 -1.80 41.60 55.10
CA GLU A 29 -1.01 40.38 55.32
C GLU A 29 0.27 40.24 54.49
N GLN A 30 1.27 39.64 55.14
CA GLN A 30 2.61 39.52 54.61
C GLN A 30 3.06 38.08 54.61
N VAL A 31 4.05 37.79 53.79
CA VAL A 31 4.68 36.49 53.81
C VAL A 31 5.98 36.52 54.58
N GLY A 32 6.21 35.45 55.33
CA GLY A 32 7.35 35.34 56.22
C GLY A 32 8.48 34.65 55.52
N GLN A 33 8.18 33.50 54.93
CA GLN A 33 9.19 32.68 54.25
C GLN A 33 8.52 31.63 53.35
N VAL A 34 9.12 31.39 52.18
CA VAL A 34 8.61 30.44 51.18
C VAL A 34 9.61 29.34 50.92
N ALA A 35 9.22 28.11 51.16
CA ALA A 35 10.11 26.98 50.93
C ALA A 35 9.66 26.17 49.71
N TRP A 36 10.63 25.75 48.88
CA TRP A 36 10.38 24.94 47.68
C TRP A 36 11.01 23.62 47.86
N ALA A 37 10.18 22.58 47.93
CA ALA A 37 10.67 21.24 48.01
C ALA A 37 10.20 20.50 46.81
N ARG A 38 10.86 19.40 46.53
CA ARG A 38 10.43 18.51 45.49
C ARG A 38 9.65 17.36 46.10
N VAL A 39 8.41 17.16 45.67
CA VAL A 39 7.70 15.98 46.13
C VAL A 39 8.42 14.81 45.51
N ASP A 40 9.13 14.05 46.34
CA ASP A 40 9.83 12.85 45.90
C ASP A 40 9.12 11.74 46.67
N ALA A 41 8.43 10.87 45.93
CA ALA A 41 7.70 9.75 46.49
C ALA A 41 8.71 8.66 46.79
N GLY A 42 9.09 8.53 48.07
CA GLY A 42 10.03 7.47 48.53
C GLY A 42 11.52 7.81 48.47
N GLU A 43 11.89 8.70 47.55
CA GLU A 43 13.26 9.26 47.44
C GLU A 43 13.36 10.55 48.32
N GLY A 44 12.79 10.42 49.52
CA GLY A 44 12.75 11.53 50.48
C GLY A 44 11.96 12.69 49.91
N ALA A 45 12.38 13.91 50.26
CA ALA A 45 11.95 15.11 49.55
C ALA A 45 13.20 15.93 49.37
N GLN A 46 13.36 16.46 48.18
CA GLN A 46 14.58 17.10 47.77
C GLN A 46 14.34 18.60 47.88
N GLU A 47 14.88 19.24 48.91
CA GLU A 47 14.65 20.67 49.12
C GLU A 47 15.37 21.48 48.03
N LEU A 48 14.63 22.30 47.28
CA LEU A 48 15.24 23.15 46.24
C LEU A 48 15.92 24.35 46.86
N ALA A 49 15.11 25.25 47.38
CA ALA A 49 15.54 26.52 47.94
C ALA A 49 14.50 27.02 48.93
N LEU A 50 14.90 27.88 49.86
CA LEU A 50 13.93 28.59 50.68
C LEU A 50 14.31 30.07 50.69
N LEU A 51 13.30 30.93 50.61
CA LEU A 51 13.52 32.34 50.58
C LEU A 51 12.72 33.04 51.67
N HIS A 52 13.44 33.88 52.41
CA HIS A 52 12.99 34.45 53.66
C HIS A 52 12.79 35.92 53.55
N SER A 53 11.79 36.43 54.27
CA SER A 53 11.37 37.83 54.15
C SER A 53 12.56 38.77 54.28
N LYS A 54 13.45 38.53 55.24
CA LYS A 54 14.64 39.32 55.41
C LYS A 54 15.84 38.74 54.69
N TYR A 55 16.17 37.50 55.03
CA TYR A 55 17.53 37.01 54.76
C TYR A 55 17.75 36.51 53.32
N GLY A 56 16.72 36.59 52.49
CA GLY A 56 16.88 36.42 51.06
C GLY A 56 16.61 35.01 50.65
N LEU A 57 17.30 34.60 49.60
CA LEU A 57 17.16 33.26 49.04
C LEU A 57 18.32 32.42 49.49
N HIS A 58 18.06 31.26 50.10
CA HIS A 58 19.10 30.26 50.33
C HIS A 58 18.81 29.10 49.41
N VAL A 59 19.63 28.92 48.38
CA VAL A 59 19.42 27.83 47.44
C VAL A 59 20.15 26.62 47.99
N SER A 60 19.51 25.46 47.88
CA SER A 60 20.01 24.19 48.43
C SER A 60 21.19 23.68 47.66
N PRO A 61 22.09 22.94 48.33
CA PRO A 61 23.36 22.46 47.72
C PRO A 61 23.22 21.62 46.46
N ALA A 62 22.11 20.90 46.34
CA ALA A 62 21.85 20.06 45.18
C ALA A 62 21.65 20.92 43.95
N TYR A 63 20.87 21.97 44.10
CA TYR A 63 20.56 22.88 43.02
C TYR A 63 21.39 24.12 43.10
N GLU A 64 22.60 24.01 43.62
CA GLU A 64 23.49 25.15 43.79
C GLU A 64 23.87 25.77 42.45
N GLY A 65 23.47 27.02 42.24
CA GLY A 65 23.73 27.76 40.99
C GLY A 65 22.74 27.51 39.87
N ARG A 66 21.66 26.80 40.21
CA ARG A 66 20.62 26.45 39.24
C ARG A 66 19.34 27.20 39.53
N VAL A 67 19.19 27.68 40.76
CA VAL A 67 17.95 28.34 41.14
C VAL A 67 18.18 29.80 41.45
N GLU A 68 17.35 30.63 40.87
CA GLU A 68 17.39 32.05 41.19
C GLU A 68 16.05 32.72 41.00
N GLN A 69 15.94 33.90 41.63
CA GLN A 69 14.67 34.60 41.71
C GLN A 69 14.46 35.36 40.44
N PRO A 70 13.21 35.60 40.06
CA PRO A 70 12.95 36.32 38.82
C PRO A 70 13.41 37.75 38.87
N PRO A 71 13.83 38.29 37.74
CA PRO A 71 14.36 39.65 37.75
C PRO A 71 13.37 40.62 38.35
N PRO A 72 13.87 41.64 39.09
CA PRO A 72 13.01 42.60 39.77
C PRO A 72 12.44 43.56 38.76
N PRO A 73 11.41 44.33 39.15
CA PRO A 73 10.79 44.26 40.45
C PRO A 73 9.90 43.05 40.60
N ARG A 74 9.90 42.49 41.80
CA ARG A 74 9.06 41.35 42.13
C ARG A 74 8.23 41.74 43.32
N ASN A 75 6.95 41.43 43.31
CA ASN A 75 6.10 41.64 44.46
C ASN A 75 6.75 40.93 45.65
N PRO A 76 6.95 41.65 46.76
CA PRO A 76 7.50 41.05 47.98
C PRO A 76 6.68 39.84 48.49
N LEU A 77 5.42 39.73 48.06
CA LEU A 77 4.59 38.62 48.44
C LEU A 77 4.78 37.43 47.51
N ASP A 78 5.55 37.59 46.43
CA ASP A 78 5.75 36.50 45.45
C ASP A 78 6.98 35.68 45.76
N GLY A 79 6.83 34.36 45.83
CA GLY A 79 7.94 33.43 46.05
C GLY A 79 8.39 32.56 44.86
N SER A 80 7.94 32.92 43.67
CA SER A 80 8.34 32.23 42.46
C SER A 80 9.85 32.13 42.29
N VAL A 81 10.32 30.99 41.80
CA VAL A 81 11.72 30.84 41.42
C VAL A 81 11.90 30.36 39.98
N LEU A 82 13.13 30.48 39.49
CA LEU A 82 13.50 29.98 38.16
C LEU A 82 14.51 28.87 38.25
N LEU A 83 14.19 27.75 37.61
CA LEU A 83 15.06 26.59 37.58
C LEU A 83 15.80 26.67 36.27
N ARG A 84 17.08 26.97 36.32
CA ARG A 84 17.79 27.20 35.08
C ARG A 84 18.19 25.90 34.40
N ASN A 85 18.09 25.90 33.07
CA ASN A 85 18.46 24.75 32.23
C ASN A 85 17.78 23.44 32.60
N ALA A 86 16.47 23.40 32.38
CA ALA A 86 15.65 22.26 32.73
C ALA A 86 16.16 21.01 32.05
N VAL A 87 16.11 19.91 32.79
CA VAL A 87 16.63 18.63 32.34
C VAL A 87 15.63 17.52 32.64
N GLN A 88 15.73 16.41 31.93
CA GLN A 88 14.79 15.32 32.12
C GLN A 88 14.65 14.91 33.59
N ALA A 89 15.75 14.99 34.34
CA ALA A 89 15.78 14.61 35.74
C ALA A 89 14.89 15.46 36.61
N ASP A 90 14.30 16.50 36.04
CA ASP A 90 13.50 17.45 36.78
C ASP A 90 12.01 17.22 36.66
N GLU A 91 11.59 16.32 35.76
CA GLU A 91 10.18 16.01 35.59
C GLU A 91 9.66 15.57 36.93
N GLY A 92 8.43 15.95 37.25
CA GLY A 92 7.82 15.48 38.50
C GLY A 92 7.09 16.59 39.19
N GLU A 93 6.74 16.37 40.46
CA GLU A 93 5.90 17.30 41.22
C GLU A 93 6.76 18.08 42.19
N TYR A 94 6.29 19.28 42.54
CA TYR A 94 7.04 20.23 43.36
C TYR A 94 6.10 20.89 44.35
N GLU A 95 6.51 20.94 45.61
CA GLU A 95 5.68 21.56 46.63
C GLU A 95 6.19 22.97 46.88
N CYS A 96 5.26 23.92 46.96
CA CYS A 96 5.60 25.27 47.32
C CYS A 96 4.93 25.53 48.61
N ARG A 97 5.70 25.54 49.69
CA ARG A 97 5.14 25.86 50.98
C ARG A 97 5.37 27.31 51.26
N VAL A 98 4.35 28.01 51.79
CA VAL A 98 4.47 29.41 52.21
C VAL A 98 3.94 29.63 53.61
N SER A 99 4.61 30.51 54.34
CA SER A 99 4.20 30.86 55.70
C SER A 99 3.80 32.33 55.76
N THR A 100 2.52 32.57 56.03
CA THR A 100 1.95 33.89 55.98
C THR A 100 1.43 34.34 57.32
N PHE A 101 1.37 35.64 57.50
CA PHE A 101 0.78 36.22 58.66
C PHE A 101 -0.12 37.35 58.19
N PRO A 102 -1.27 37.52 58.84
CA PRO A 102 -1.74 36.72 59.99
C PRO A 102 -2.51 35.50 59.57
N ALA A 103 -2.42 35.17 58.29
CA ALA A 103 -3.25 34.12 57.71
C ALA A 103 -2.96 32.72 58.29
N GLY A 104 -1.68 32.37 58.38
CA GLY A 104 -1.25 31.02 58.68
C GLY A 104 -0.43 30.57 57.48
N SER A 105 0.00 29.31 57.46
CA SER A 105 0.76 28.80 56.29
C SER A 105 -0.16 28.11 55.28
N PHE A 106 0.27 28.16 54.03
CA PHE A 106 -0.35 27.44 52.94
C PHE A 106 0.64 26.63 52.14
N GLN A 107 0.14 25.68 51.37
CA GLN A 107 0.96 25.01 50.39
C GLN A 107 0.18 24.68 49.13
N ALA A 108 0.90 24.65 48.01
CA ALA A 108 0.34 24.36 46.72
C ALA A 108 1.38 23.51 46.00
N ARG A 109 0.91 22.53 45.23
CA ARG A 109 1.80 21.72 44.41
C ARG A 109 1.71 22.16 42.96
N LEU A 110 2.75 21.81 42.20
CA LEU A 110 2.68 21.83 40.74
C LEU A 110 3.51 20.71 40.13
N ARG A 111 3.10 20.28 38.94
CA ARG A 111 3.83 19.26 38.21
C ARG A 111 4.62 19.86 37.06
N LEU A 112 5.90 19.59 37.01
CA LEU A 112 6.74 20.11 35.96
C LEU A 112 6.89 19.10 34.86
N ARG A 113 6.67 19.54 33.63
CA ARG A 113 6.74 18.68 32.46
C ARG A 113 7.88 19.13 31.56
N VAL A 114 8.85 18.25 31.37
CA VAL A 114 9.99 18.54 30.51
C VAL A 114 9.89 17.80 29.19
N LEU A 115 9.74 18.54 28.10
CA LEU A 115 9.64 17.95 26.78
C LEU A 115 11.03 17.79 26.25
N VAL A 116 11.34 16.60 25.75
CA VAL A 116 12.63 16.34 25.12
C VAL A 116 12.45 15.87 23.66
N PRO A 117 12.85 16.71 22.72
CA PRO A 117 12.77 16.44 21.28
C PRO A 117 13.76 15.37 20.85
N PRO A 118 13.46 14.66 19.77
CA PRO A 118 14.25 13.52 19.40
C PRO A 118 15.41 13.93 18.52
N LEU A 119 16.39 13.03 18.39
CA LEU A 119 17.53 13.17 17.42
C LEU A 119 17.57 11.97 16.42
N PRO A 120 16.64 11.94 15.45
CA PRO A 120 16.37 10.73 14.69
C PRO A 120 17.52 10.19 13.86
N SER A 121 17.43 8.90 13.54
CA SER A 121 18.38 8.21 12.63
C SER A 121 17.65 7.49 11.52
N LEU A 122 18.27 7.42 10.34
CA LEU A 122 17.79 6.54 9.28
C LEU A 122 18.86 5.54 8.84
N ASN A 123 18.44 4.28 8.71
CA ASN A 123 19.34 3.16 8.44
C ASN A 123 18.87 2.33 7.25
N PRO A 124 19.59 2.39 6.13
CA PRO A 124 19.17 1.69 4.94
C PRO A 124 19.10 0.14 5.05
N GLY A 125 18.11 -0.42 4.36
CA GLY A 125 17.94 -1.86 4.22
C GLY A 125 18.98 -2.49 3.34
N PRO A 126 18.80 -3.78 3.04
CA PRO A 126 19.76 -4.43 2.16
C PRO A 126 19.80 -3.75 0.79
N ALA A 127 20.84 -4.06 0.03
CA ALA A 127 20.94 -3.67 -1.38
C ALA A 127 19.71 -4.17 -2.10
N LEU A 128 19.02 -3.24 -2.76
CA LEU A 128 17.74 -3.52 -3.35
C LEU A 128 18.00 -3.79 -4.82
N GLU A 129 17.56 -4.96 -5.29
CA GLU A 129 17.76 -5.43 -6.66
C GLU A 129 16.43 -5.55 -7.35
N GLU A 130 16.43 -5.22 -8.65
CA GLU A 130 15.22 -5.22 -9.49
C GLU A 130 14.49 -6.55 -9.44
N GLY A 131 15.20 -7.62 -9.08
CA GLY A 131 14.60 -8.96 -8.98
C GLY A 131 13.58 -9.28 -7.88
N GLN A 132 13.89 -8.91 -6.64
CA GLN A 132 13.19 -9.48 -5.49
C GLN A 132 11.84 -8.87 -5.27
N GLY A 133 11.04 -9.53 -4.43
CA GLY A 133 9.76 -9.00 -3.99
C GLY A 133 9.87 -8.05 -2.81
N LEU A 134 8.92 -8.13 -1.89
CA LEU A 134 8.82 -7.17 -0.78
C LEU A 134 10.03 -7.24 0.13
N THR A 135 10.67 -6.09 0.35
CA THR A 135 11.83 -5.99 1.23
C THR A 135 11.99 -4.62 1.90
N LEU A 136 12.99 -4.57 2.76
CA LEU A 136 13.29 -3.39 3.57
C LEU A 136 14.00 -2.29 2.76
N ALA A 137 13.37 -1.11 2.71
CA ALA A 137 13.95 0.07 2.08
C ALA A 137 14.84 0.77 3.08
N ALA A 138 14.27 1.04 4.24
CA ALA A 138 14.97 1.74 5.32
C ALA A 138 14.14 1.73 6.58
N SER A 139 14.79 1.99 7.71
CA SER A 139 14.09 2.22 8.97
C SER A 139 14.59 3.44 9.69
N CYS A 140 13.67 4.05 10.43
CA CYS A 140 13.84 5.39 10.95
C CYS A 140 13.39 5.54 12.40
N THR A 141 14.35 5.85 13.27
CA THR A 141 14.19 5.68 14.70
C THR A 141 14.31 7.02 15.43
N ALA A 142 13.34 7.31 16.29
CA ALA A 142 13.25 8.56 17.03
C ALA A 142 12.78 8.34 18.43
N GLU A 143 13.63 8.74 19.38
CA GLU A 143 13.28 8.64 20.79
C GLU A 143 13.18 10.05 21.35
N GLY A 144 12.11 10.24 22.11
CA GLY A 144 11.87 11.49 22.80
C GLY A 144 10.71 11.33 23.76
N SER A 145 10.48 12.39 24.52
CA SER A 145 9.34 12.42 25.40
C SER A 145 8.63 13.75 25.23
N PRO A 146 7.34 13.72 24.91
CA PRO A 146 6.55 12.53 24.68
C PRO A 146 6.98 11.82 23.41
N ALA A 147 6.42 10.63 23.17
CA ALA A 147 6.78 9.84 21.98
C ALA A 147 6.60 10.63 20.70
N PRO A 148 7.64 10.70 19.86
CA PRO A 148 7.52 11.41 18.57
C PRO A 148 6.65 10.65 17.59
N SER A 149 6.23 11.33 16.52
CA SER A 149 5.41 10.74 15.51
C SER A 149 6.21 10.65 14.22
N VAL A 150 6.59 9.43 13.84
CA VAL A 150 7.44 9.18 12.65
C VAL A 150 6.65 8.70 11.45
N THR A 151 6.75 9.43 10.36
CA THR A 151 6.11 9.02 9.13
C THR A 151 7.09 9.10 7.97
N TRP A 152 6.64 8.64 6.80
CA TRP A 152 7.43 8.67 5.57
C TRP A 152 6.82 9.58 4.55
N ASP A 153 7.63 10.35 3.82
CA ASP A 153 7.14 11.13 2.69
C ASP A 153 7.95 10.81 1.45
N THR A 154 7.27 10.30 0.43
CA THR A 154 7.92 9.77 -0.76
C THR A 154 6.95 9.65 -1.96
N GLU A 155 7.51 9.29 -3.11
CA GLU A 155 6.74 9.09 -4.33
C GLU A 155 6.42 7.61 -4.58
N VAL A 156 7.28 6.75 -4.06
CA VAL A 156 7.24 5.35 -4.42
C VAL A 156 6.14 4.65 -3.64
N LYS A 157 5.67 3.53 -4.18
CA LYS A 157 4.62 2.75 -3.52
C LYS A 157 5.24 1.75 -2.54
N GLY A 158 4.69 1.71 -1.34
CA GLY A 158 5.21 0.83 -0.30
C GLY A 158 4.37 0.74 0.97
N THR A 159 4.67 -0.26 1.79
CA THR A 159 3.95 -0.51 3.06
C THR A 159 4.89 -0.23 4.24
N THR A 160 4.36 0.25 5.35
CA THR A 160 5.18 0.46 6.55
C THR A 160 4.66 -0.40 7.69
N SER A 161 5.57 -0.73 8.61
CA SER A 161 5.22 -1.21 9.95
C SER A 161 6.07 -0.40 10.86
N SER A 162 5.63 -0.27 12.10
CA SER A 162 6.34 0.44 13.13
C SER A 162 6.22 -0.28 14.45
N ARG A 163 7.14 0.09 15.32
CA ARG A 163 7.16 -0.36 16.71
C ARG A 163 7.32 0.84 17.68
N SER A 164 6.83 0.74 18.91
CA SER A 164 6.97 1.88 19.81
C SER A 164 7.14 1.48 21.24
N PHE A 165 8.38 1.49 21.69
CA PHE A 165 8.75 0.96 23.00
C PHE A 165 8.83 2.07 24.01
N LYS A 166 8.08 1.93 25.08
CA LYS A 166 8.15 2.87 26.16
C LYS A 166 9.32 2.50 27.01
N HIS A 167 10.20 3.47 27.18
CA HIS A 167 11.29 3.37 28.15
C HIS A 167 10.99 4.11 29.43
N SER A 168 11.96 4.15 30.34
CA SER A 168 11.71 4.70 31.67
C SER A 168 11.05 6.05 31.61
N ARG A 169 11.69 7.01 30.96
CA ARG A 169 11.23 8.40 30.98
C ARG A 169 10.93 8.98 29.62
N SER A 170 10.87 8.12 28.62
CA SER A 170 10.68 8.53 27.23
C SER A 170 10.09 7.39 26.43
N ALA A 171 9.87 7.61 25.14
CA ALA A 171 9.44 6.50 24.29
C ALA A 171 10.13 6.53 22.94
N ALA A 172 10.92 5.49 22.63
CA ALA A 172 11.45 5.28 21.27
C ALA A 172 10.47 4.62 20.29
N VAL A 173 10.22 5.29 19.17
CA VAL A 173 9.42 4.74 18.11
C VAL A 173 10.25 4.62 16.83
N THR A 174 10.09 3.50 16.15
CA THR A 174 10.77 3.20 14.91
C THR A 174 9.72 2.81 13.84
N SER A 175 9.98 3.20 12.60
CA SER A 175 9.12 2.88 11.47
C SER A 175 9.97 2.31 10.35
N GLU A 176 9.35 1.56 9.45
CA GLU A 176 10.14 1.03 8.33
C GLU A 176 9.34 0.87 7.06
N PHE A 177 9.94 1.31 5.97
CA PHE A 177 9.29 1.32 4.70
C PHE A 177 9.58 0.04 4.01
N HIS A 178 8.58 -0.49 3.33
CA HIS A 178 8.75 -1.70 2.52
C HIS A 178 8.31 -1.52 1.10
N LEU A 179 9.01 -2.15 0.17
CA LEU A 179 8.69 -2.00 -1.24
C LEU A 179 9.24 -3.12 -2.11
N VAL A 180 8.52 -3.39 -3.21
CA VAL A 180 9.03 -4.26 -4.25
C VAL A 180 9.96 -3.48 -5.18
N PRO A 181 11.24 -3.83 -5.19
CA PRO A 181 12.20 -3.05 -5.96
C PRO A 181 11.92 -3.04 -7.46
N SER A 182 12.15 -1.88 -8.05
CA SER A 182 11.87 -1.61 -9.44
C SER A 182 12.97 -0.65 -9.87
N ARG A 183 13.58 -0.82 -11.03
CA ARG A 183 14.71 0.03 -11.40
C ARG A 183 14.20 1.47 -11.53
N SER A 184 12.93 1.61 -11.88
CA SER A 184 12.28 2.92 -11.94
C SER A 184 12.38 3.68 -10.63
N MET A 185 12.75 2.99 -9.55
CA MET A 185 12.84 3.58 -8.23
C MET A 185 14.27 4.09 -7.95
N ASN A 186 15.22 3.96 -8.86
CA ASN A 186 16.58 4.40 -8.56
C ASN A 186 16.73 5.90 -8.58
N GLY A 187 17.53 6.40 -7.64
CA GLY A 187 17.82 7.82 -7.54
C GLY A 187 16.65 8.61 -6.98
N GLN A 188 15.61 7.89 -6.51
CA GLN A 188 14.38 8.50 -6.02
C GLN A 188 14.43 8.67 -4.53
N PRO A 189 14.13 9.88 -4.05
CA PRO A 189 14.19 10.13 -2.61
C PRO A 189 13.09 9.50 -1.74
N LEU A 190 13.50 8.79 -0.70
CA LEU A 190 12.63 8.33 0.40
C LEU A 190 13.01 9.08 1.68
N THR A 191 12.11 9.91 2.18
CA THR A 191 12.45 10.75 3.33
C THR A 191 11.58 10.45 4.54
N CYS A 192 12.24 10.43 5.70
CA CYS A 192 11.62 10.13 6.98
C CYS A 192 11.29 11.43 7.71
N VAL A 193 10.01 11.66 7.99
CA VAL A 193 9.57 12.91 8.62
C VAL A 193 9.06 12.69 10.05
N VAL A 194 9.87 13.08 11.04
CA VAL A 194 9.49 12.99 12.48
C VAL A 194 8.98 14.32 13.06
N SER A 195 7.93 14.22 13.86
CA SER A 195 7.32 15.35 14.50
C SER A 195 7.24 15.20 16.02
N HIS A 196 7.44 16.31 16.74
CA HIS A 196 7.42 16.33 18.21
C HIS A 196 6.90 17.65 18.74
N PRO A 197 6.33 17.67 19.96
CA PRO A 197 5.80 18.88 20.62
C PRO A 197 6.89 19.86 20.92
N GLY A 198 8.05 19.33 21.25
CA GLY A 198 9.17 20.16 21.65
C GLY A 198 9.94 20.63 20.44
N LEU A 199 9.34 20.43 19.27
CA LEU A 199 9.96 20.75 18.02
C LEU A 199 8.98 21.60 17.21
N LEU A 200 9.32 22.86 17.03
CA LEU A 200 8.48 23.76 16.25
C LEU A 200 8.61 23.58 14.75
N GLN A 201 9.70 22.97 14.29
CA GLN A 201 9.85 22.57 12.88
C GLN A 201 10.05 21.07 12.78
N ASP A 202 9.12 20.39 12.13
CA ASP A 202 9.22 18.96 11.90
C ASP A 202 10.51 18.58 11.17
N GLN A 203 11.24 17.64 11.74
CA GLN A 203 12.53 17.19 11.24
C GLN A 203 12.35 16.24 10.06
N ARG A 204 13.17 16.42 9.01
CA ARG A 204 13.07 15.56 7.84
C ARG A 204 14.46 15.17 7.33
N ILE A 205 14.75 13.85 7.32
CA ILE A 205 16.01 13.31 6.79
C ILE A 205 15.80 12.35 5.61
N THR A 206 16.56 12.58 4.52
CA THR A 206 16.27 11.97 3.21
C THR A 206 17.28 10.91 2.73
N HIS A 207 16.74 9.78 2.28
CA HIS A 207 17.52 8.67 1.71
C HIS A 207 17.27 8.55 0.24
N ILE A 208 18.33 8.45 -0.58
CA ILE A 208 18.18 8.25 -2.02
C ILE A 208 18.29 6.76 -2.38
N LEU A 209 17.16 6.19 -2.74
CA LEU A 209 17.03 4.74 -2.98
C LEU A 209 17.90 4.27 -4.11
N HIS A 210 18.43 3.05 -3.99
CA HIS A 210 19.08 2.40 -5.11
C HIS A 210 18.51 1.04 -5.41
N VAL A 211 18.44 0.74 -6.71
CA VAL A 211 18.03 -0.57 -7.21
C VAL A 211 18.83 -0.90 -8.45
N SER A 212 19.30 -2.14 -8.53
CA SER A 212 20.06 -2.66 -9.68
C SER A 212 19.35 -3.79 -10.41
N HIS A 213 19.67 -3.96 -11.69
CA HIS A 213 18.93 -4.87 -12.58
C HIS A 213 19.28 -6.29 -12.26
N HIS A 214 18.34 -7.21 -12.51
CA HIS A 214 18.50 -8.63 -12.09
C HIS A 214 19.69 -9.24 -12.75
N HIS A 215 20.57 -9.86 -11.96
CA HIS A 215 21.89 -10.24 -12.47
C HIS A 215 22.50 -11.38 -11.72
N GLY B 1 -21.21 -23.88 39.99
CA GLY B 1 -20.31 -23.33 41.02
C GLY B 1 -18.88 -23.67 40.74
N GLU B 2 -18.41 -23.32 39.54
CA GLU B 2 -16.98 -23.32 39.22
C GLU B 2 -16.69 -22.22 38.22
N LEU B 3 -15.98 -21.18 38.62
CA LEU B 3 -15.83 -20.02 37.76
C LEU B 3 -14.60 -20.27 36.91
N GLU B 4 -14.81 -20.86 35.74
CA GLU B 4 -13.73 -21.25 34.84
C GLU B 4 -13.10 -20.08 34.12
N THR B 5 -11.76 -20.10 34.08
CA THR B 5 -10.99 -19.02 33.54
C THR B 5 -9.58 -19.48 33.23
N SER B 6 -9.01 -18.93 32.17
CA SER B 6 -7.59 -19.20 31.88
C SER B 6 -6.74 -18.65 33.02
N ASP B 7 -5.48 -19.02 33.05
CA ASP B 7 -4.54 -18.49 34.04
C ASP B 7 -3.47 -17.55 33.45
N VAL B 8 -3.05 -17.82 32.22
CA VAL B 8 -2.33 -16.83 31.43
C VAL B 8 -2.74 -16.82 29.96
N VAL B 9 -3.26 -15.70 29.45
CA VAL B 9 -3.58 -15.56 28.03
C VAL B 9 -2.43 -14.90 27.31
N THR B 10 -2.16 -15.35 26.10
CA THR B 10 -1.00 -14.91 25.35
C THR B 10 -1.40 -14.53 23.92
N VAL B 11 -1.17 -13.28 23.56
CA VAL B 11 -1.37 -12.80 22.20
C VAL B 11 -0.12 -12.14 21.69
N VAL B 12 0.05 -12.13 20.37
CA VAL B 12 1.08 -11.27 19.79
C VAL B 12 0.48 -9.90 19.52
N LEU B 13 1.35 -8.92 19.48
CA LEU B 13 0.96 -7.56 19.23
C LEU B 13 -0.03 -7.48 18.07
N GLY B 14 -1.07 -6.67 18.24
CA GLY B 14 -2.08 -6.42 17.20
C GLY B 14 -3.17 -7.46 17.05
N GLN B 15 -3.00 -8.62 17.70
CA GLN B 15 -4.02 -9.64 17.68
C GLN B 15 -5.08 -9.34 18.72
N ASP B 16 -6.28 -9.89 18.53
CA ASP B 16 -7.34 -9.71 19.51
C ASP B 16 -7.23 -10.76 20.60
N ALA B 17 -7.43 -10.36 21.85
CA ALA B 17 -7.34 -11.25 23.01
C ALA B 17 -8.74 -11.64 23.46
N LYS B 18 -8.98 -12.91 23.70
CA LYS B 18 -10.19 -13.32 24.37
C LYS B 18 -9.85 -13.46 25.83
N LEU B 19 -10.52 -12.66 26.66
CA LEU B 19 -10.47 -12.84 28.08
C LEU B 19 -11.62 -13.77 28.48
N PRO B 20 -11.29 -15.00 28.91
CA PRO B 20 -12.28 -15.99 29.24
C PRO B 20 -12.79 -15.93 30.68
N CYS B 21 -14.10 -16.12 30.83
CA CYS B 21 -14.78 -16.14 32.12
C CYS B 21 -16.17 -16.77 31.95
N PHE B 22 -16.25 -18.07 32.21
CA PHE B 22 -17.45 -18.82 31.95
C PHE B 22 -17.80 -19.51 33.25
N TYR B 23 -18.99 -19.23 33.78
CA TYR B 23 -19.40 -19.83 35.05
C TYR B 23 -20.02 -21.18 34.76
N ARG B 24 -19.36 -22.23 35.21
CA ARG B 24 -19.75 -23.59 34.89
C ARG B 24 -20.83 -24.02 35.87
N GLY B 25 -21.95 -23.32 35.77
CA GLY B 25 -23.07 -23.52 36.68
C GLY B 25 -23.88 -24.76 36.39
N ASP B 26 -24.88 -25.05 37.20
CA ASP B 26 -25.69 -26.22 36.98
C ASP B 26 -27.20 -25.93 36.77
N SER B 27 -27.95 -27.01 36.68
CA SER B 27 -29.40 -26.97 36.45
C SER B 27 -30.13 -25.78 37.06
N GLY B 28 -29.75 -25.42 38.28
CA GLY B 28 -30.47 -24.46 39.09
C GLY B 28 -29.89 -23.07 39.34
N GLU B 29 -28.98 -22.56 38.50
CA GLU B 29 -28.38 -21.25 38.77
C GLU B 29 -28.06 -20.44 37.51
N GLN B 30 -28.17 -19.11 37.64
CA GLN B 30 -28.02 -18.15 36.51
C GLN B 30 -26.94 -17.09 36.86
N VAL B 31 -26.28 -16.47 35.89
CA VAL B 31 -25.43 -15.32 36.18
C VAL B 31 -26.25 -14.04 36.07
N GLY B 32 -26.01 -13.10 36.99
CA GLY B 32 -26.77 -11.88 37.10
C GLY B 32 -26.11 -10.77 36.35
N GLN B 33 -24.81 -10.61 36.58
CA GLN B 33 -24.01 -9.56 35.94
C GLN B 33 -22.52 -9.85 36.12
N VAL B 34 -21.74 -9.60 35.07
CA VAL B 34 -20.30 -9.87 35.07
C VAL B 34 -19.51 -8.60 34.80
N ALA B 35 -18.67 -8.18 35.74
CA ALA B 35 -17.82 -7.02 35.54
C ALA B 35 -16.37 -7.43 35.33
N TRP B 36 -15.73 -6.76 34.36
CA TRP B 36 -14.31 -6.92 34.07
C TRP B 36 -13.55 -5.68 34.41
N ALA B 37 -12.45 -5.87 35.10
CA ALA B 37 -11.59 -4.77 35.49
C ALA B 37 -10.16 -5.22 35.38
N ARG B 38 -9.25 -4.28 35.24
CA ARG B 38 -7.83 -4.61 35.32
C ARG B 38 -7.32 -4.34 36.75
N VAL B 39 -6.67 -5.33 37.33
CA VAL B 39 -6.15 -5.17 38.67
C VAL B 39 -4.86 -4.42 38.51
N ASP B 40 -4.71 -3.34 39.27
CA ASP B 40 -3.53 -2.49 39.18
C ASP B 40 -3.34 -1.96 40.57
N ALA B 41 -2.31 -2.41 41.25
CA ALA B 41 -2.23 -2.14 42.68
C ALA B 41 -2.09 -0.62 42.90
N GLY B 42 -1.74 0.12 41.83
CA GLY B 42 -1.62 1.60 41.83
C GLY B 42 -2.63 2.43 41.05
N GLU B 43 -3.11 1.89 39.94
CA GLU B 43 -3.94 2.66 39.04
C GLU B 43 -5.35 2.49 39.56
N GLY B 44 -5.47 1.95 40.78
CA GLY B 44 -6.79 1.58 41.33
C GLY B 44 -7.46 0.55 40.44
N ALA B 45 -8.79 0.57 40.40
CA ALA B 45 -9.53 -0.24 39.44
C ALA B 45 -9.58 0.52 38.12
N GLN B 46 -9.46 -0.22 37.03
CA GLN B 46 -9.83 0.27 35.71
C GLN B 46 -10.85 -0.68 35.11
N GLU B 47 -12.11 -0.27 35.12
CA GLU B 47 -13.13 -1.13 34.61
C GLU B 47 -13.07 -1.21 33.10
N LEU B 48 -13.06 -2.41 32.56
CA LEU B 48 -13.09 -2.62 31.10
C LEU B 48 -14.51 -2.48 30.60
N ALA B 49 -15.35 -3.45 30.97
CA ALA B 49 -16.74 -3.55 30.57
C ALA B 49 -17.51 -4.29 31.64
N LEU B 50 -18.81 -4.03 31.76
CA LEU B 50 -19.67 -4.88 32.56
C LEU B 50 -20.85 -5.30 31.72
N LEU B 51 -21.25 -6.57 31.82
CA LEU B 51 -22.37 -7.07 31.07
C LEU B 51 -23.42 -7.69 31.99
N HIS B 52 -24.66 -7.27 31.77
CA HIS B 52 -25.78 -7.52 32.66
C HIS B 52 -26.75 -8.47 32.03
N SER B 53 -27.36 -9.32 32.86
CA SER B 53 -28.17 -10.43 32.38
C SER B 53 -29.21 -9.94 31.40
N LYS B 54 -29.86 -8.82 31.70
CA LYS B 54 -30.84 -8.23 30.79
C LYS B 54 -30.25 -7.12 29.91
N TYR B 55 -29.64 -6.11 30.52
CA TYR B 55 -29.38 -4.86 29.83
C TYR B 55 -28.16 -4.87 28.91
N GLY B 56 -27.47 -6.00 28.86
CA GLY B 56 -26.44 -6.18 27.84
C GLY B 56 -25.07 -5.82 28.33
N LEU B 57 -24.23 -5.39 27.38
CA LEU B 57 -22.83 -5.07 27.61
C LEU B 57 -22.65 -3.55 27.62
N HIS B 58 -22.16 -3.00 28.73
CA HIS B 58 -21.79 -1.59 28.77
C HIS B 58 -20.32 -1.60 28.80
N VAL B 59 -19.73 -0.97 27.79
CA VAL B 59 -18.29 -0.81 27.70
C VAL B 59 -17.87 0.61 28.11
N SER B 60 -16.87 0.66 28.97
CA SER B 60 -16.48 1.89 29.66
C SER B 60 -15.69 2.85 28.79
N PRO B 61 -15.78 4.16 29.08
CA PRO B 61 -15.36 5.20 28.14
C PRO B 61 -13.90 5.08 27.71
N ALA B 62 -13.08 4.35 28.47
CA ALA B 62 -11.67 4.12 28.10
C ALA B 62 -11.59 3.10 26.97
N TYR B 63 -12.11 1.92 27.23
CA TYR B 63 -11.95 0.78 26.33
C TYR B 63 -13.02 0.81 25.27
N GLU B 64 -13.51 2.01 24.98
CA GLU B 64 -14.58 2.20 24.03
C GLU B 64 -14.19 1.65 22.67
N GLY B 65 -15.13 0.97 22.04
CA GLY B 65 -14.88 0.50 20.67
C GLY B 65 -13.75 -0.51 20.56
N ARG B 66 -13.29 -0.98 21.69
CA ARG B 66 -12.16 -1.87 21.76
C ARG B 66 -12.55 -3.22 22.35
N VAL B 67 -13.71 -3.26 23.00
CA VAL B 67 -14.12 -4.50 23.63
C VAL B 67 -15.54 -4.95 23.25
N GLU B 68 -15.62 -6.13 22.63
CA GLU B 68 -16.84 -6.73 22.12
C GLU B 68 -16.94 -8.13 22.75
N GLN B 69 -18.15 -8.65 22.71
CA GLN B 69 -18.43 -10.00 23.15
C GLN B 69 -18.08 -10.93 22.04
N PRO B 70 -17.86 -12.20 22.36
CA PRO B 70 -17.67 -13.25 21.36
C PRO B 70 -18.93 -13.47 20.49
N PRO B 71 -18.75 -13.78 19.20
CA PRO B 71 -19.89 -13.91 18.30
C PRO B 71 -20.80 -15.02 18.79
N PRO B 72 -22.13 -14.86 18.63
CA PRO B 72 -23.07 -15.80 19.18
C PRO B 72 -23.07 -17.03 18.31
N PRO B 73 -23.68 -18.13 18.77
CA PRO B 73 -24.34 -18.23 20.05
C PRO B 73 -23.33 -18.36 21.16
N ARG B 74 -23.61 -17.72 22.27
CA ARG B 74 -22.69 -17.69 23.37
C ARG B 74 -23.47 -18.08 24.59
N ASN B 75 -22.99 -19.05 25.34
CA ASN B 75 -23.70 -19.47 26.53
C ASN B 75 -24.09 -18.23 27.37
N PRO B 76 -25.34 -18.16 27.85
CA PRO B 76 -25.84 -17.07 28.73
C PRO B 76 -25.11 -16.96 30.10
N LEU B 77 -24.34 -18.00 30.40
CA LEU B 77 -23.50 -18.05 31.59
C LEU B 77 -22.02 -17.75 31.33
N ASP B 78 -21.69 -17.36 30.11
CA ASP B 78 -20.32 -17.08 29.75
C ASP B 78 -20.15 -15.60 29.56
N GLY B 79 -19.35 -14.99 30.41
CA GLY B 79 -19.09 -13.53 30.36
C GLY B 79 -17.84 -13.14 29.62
N SER B 80 -17.27 -14.09 28.90
CA SER B 80 -16.03 -13.86 28.17
C SER B 80 -16.14 -12.63 27.29
N VAL B 81 -15.10 -11.82 27.32
CA VAL B 81 -15.04 -10.61 26.56
C VAL B 81 -13.87 -10.69 25.59
N LEU B 82 -13.91 -9.84 24.59
CA LEU B 82 -12.88 -9.90 23.58
C LEU B 82 -12.20 -8.51 23.34
N LEU B 83 -10.89 -8.47 23.54
CA LEU B 83 -10.16 -7.23 23.55
C LEU B 83 -9.50 -7.09 22.20
N ARG B 84 -9.96 -6.14 21.41
CA ARG B 84 -9.43 -6.03 20.09
C ARG B 84 -8.10 -5.34 20.12
N ASN B 85 -7.24 -5.76 19.21
CA ASN B 85 -5.98 -5.09 18.90
C ASN B 85 -5.08 -4.89 20.10
N ALA B 86 -4.63 -6.01 20.67
CA ALA B 86 -3.77 -5.98 21.84
C ALA B 86 -2.56 -5.12 21.57
N VAL B 87 -2.40 -4.04 22.34
CA VAL B 87 -1.21 -3.20 22.30
C VAL B 87 -0.52 -3.44 23.63
N GLN B 88 0.76 -3.13 23.74
CA GLN B 88 1.55 -3.54 24.92
C GLN B 88 1.09 -2.91 26.26
N ALA B 89 0.43 -1.74 26.22
CA ALA B 89 -0.19 -1.13 27.41
C ALA B 89 -1.24 -1.99 28.10
N ASP B 90 -1.62 -3.08 27.46
CA ASP B 90 -2.66 -3.96 27.94
C ASP B 90 -2.10 -5.23 28.58
N GLU B 91 -0.78 -5.39 28.55
CA GLU B 91 -0.10 -6.43 29.32
C GLU B 91 -0.52 -6.20 30.75
N GLY B 92 -0.72 -7.27 31.50
CA GLY B 92 -1.06 -7.15 32.92
C GLY B 92 -2.07 -8.18 33.39
N GLU B 93 -2.63 -7.94 34.57
CA GLU B 93 -3.53 -8.87 35.23
C GLU B 93 -4.95 -8.30 35.14
N TYR B 94 -5.94 -9.19 35.13
CA TYR B 94 -7.36 -8.82 34.94
C TYR B 94 -8.28 -9.62 35.85
N GLU B 95 -9.18 -8.93 36.55
CA GLU B 95 -10.12 -9.58 37.44
C GLU B 95 -11.45 -9.68 36.72
N CYS B 96 -12.05 -10.85 36.80
CA CYS B 96 -13.37 -11.08 36.29
C CYS B 96 -14.24 -11.35 37.47
N ARG B 97 -15.08 -10.38 37.81
CA ARG B 97 -15.98 -10.53 38.94
C ARG B 97 -17.38 -10.81 38.49
N VAL B 98 -17.95 -11.96 38.89
CA VAL B 98 -19.29 -12.39 38.47
C VAL B 98 -20.21 -12.50 39.68
N SER B 99 -21.48 -12.20 39.44
CA SER B 99 -22.52 -12.35 40.46
C SER B 99 -23.49 -13.41 40.02
N THR B 100 -23.54 -14.49 40.78
CA THR B 100 -24.42 -15.59 40.46
C THR B 100 -25.44 -15.72 41.54
N PHE B 101 -26.55 -16.27 41.10
CA PHE B 101 -27.65 -16.61 41.95
C PHE B 101 -28.05 -18.03 41.61
N PRO B 102 -28.42 -18.82 42.62
CA PRO B 102 -28.39 -18.48 44.03
C PRO B 102 -27.05 -18.71 44.73
N ALA B 103 -26.00 -18.93 43.95
CA ALA B 103 -24.71 -19.30 44.51
C ALA B 103 -24.09 -18.19 45.35
N GLY B 104 -24.11 -16.97 44.82
CA GLY B 104 -23.36 -15.85 45.41
C GLY B 104 -22.40 -15.36 44.34
N SER B 105 -21.57 -14.37 44.67
CA SER B 105 -20.62 -13.83 43.68
C SER B 105 -19.22 -14.49 43.76
N PHE B 106 -18.62 -14.69 42.58
CA PHE B 106 -17.32 -15.31 42.41
C PHE B 106 -16.38 -14.37 41.71
N GLN B 107 -15.09 -14.57 41.92
CA GLN B 107 -14.08 -13.72 41.33
C GLN B 107 -12.90 -14.59 40.92
N ALA B 108 -12.28 -14.22 39.82
CA ALA B 108 -11.30 -15.05 39.16
C ALA B 108 -10.43 -14.09 38.44
N ARG B 109 -9.21 -14.52 38.18
CA ARG B 109 -8.19 -13.61 37.67
C ARG B 109 -7.44 -14.25 36.55
N LEU B 110 -6.87 -13.42 35.67
CA LEU B 110 -5.95 -13.90 34.63
C LEU B 110 -4.92 -12.85 34.25
N ARG B 111 -3.75 -13.31 33.82
CA ARG B 111 -2.69 -12.42 33.35
C ARG B 111 -2.56 -12.48 31.83
N LEU B 112 -2.67 -11.32 31.18
CA LEU B 112 -2.58 -11.23 29.73
C LEU B 112 -1.18 -10.89 29.34
N ARG B 113 -0.64 -11.69 28.43
CA ARG B 113 0.75 -11.53 27.97
C ARG B 113 0.77 -11.17 26.51
N VAL B 114 1.31 -9.99 26.22
CA VAL B 114 1.41 -9.47 24.89
C VAL B 114 2.84 -9.61 24.41
N LEU B 115 3.02 -10.46 23.41
CA LEU B 115 4.32 -10.68 22.81
C LEU B 115 4.50 -9.61 21.78
N VAL B 116 5.60 -8.90 21.84
CA VAL B 116 5.93 -7.96 20.80
C VAL B 116 7.23 -8.35 20.11
N PRO B 117 7.13 -8.79 18.83
CA PRO B 117 8.26 -9.18 18.00
C PRO B 117 9.13 -8.00 17.62
N PRO B 118 10.38 -8.27 17.29
CA PRO B 118 11.31 -7.18 17.05
C PRO B 118 11.33 -6.78 15.60
N LEU B 119 11.82 -5.57 15.33
CA LEU B 119 12.05 -5.05 13.97
C LEU B 119 13.56 -4.90 13.72
N PRO B 120 14.28 -6.02 13.51
CA PRO B 120 15.73 -6.00 13.44
C PRO B 120 16.31 -4.93 12.52
N SER B 121 17.44 -4.36 12.92
CA SER B 121 18.15 -3.35 12.12
C SER B 121 19.62 -3.70 12.08
N LEU B 122 20.17 -3.88 10.88
CA LEU B 122 21.60 -4.17 10.74
C LEU B 122 22.31 -2.94 10.27
N ASN B 123 23.45 -2.66 10.90
CA ASN B 123 24.21 -1.46 10.68
C ASN B 123 25.65 -1.83 10.39
N PRO B 124 26.06 -1.72 9.12
CA PRO B 124 27.35 -2.19 8.72
C PRO B 124 28.46 -1.33 9.26
N GLY B 125 29.59 -1.98 9.50
CA GLY B 125 30.77 -1.31 9.95
C GLY B 125 31.40 -0.38 8.94
N PRO B 126 32.48 0.31 9.34
CA PRO B 126 33.13 1.24 8.42
C PRO B 126 33.73 0.49 7.25
N ALA B 127 34.28 1.23 6.29
CA ALA B 127 34.81 0.66 5.05
C ALA B 127 35.91 -0.38 5.32
N LEU B 128 35.72 -1.60 4.82
CA LEU B 128 36.66 -2.69 5.08
C LEU B 128 37.75 -2.72 3.98
N GLU B 129 39.01 -2.52 4.38
CA GLU B 129 40.20 -2.65 3.52
C GLU B 129 41.12 -3.77 4.04
N GLU B 130 42.04 -4.27 3.23
CA GLU B 130 43.02 -5.26 3.72
C GLU B 130 44.00 -4.72 4.77
N GLY B 131 44.29 -3.42 4.73
CA GLY B 131 45.28 -2.80 5.61
C GLY B 131 45.01 -2.98 7.08
N GLN B 132 43.89 -2.45 7.56
CA GLN B 132 43.60 -2.46 9.00
C GLN B 132 43.26 -3.86 9.43
N GLY B 133 43.40 -4.08 10.72
CA GLY B 133 43.32 -5.42 11.29
C GLY B 133 41.92 -5.79 11.74
N LEU B 134 41.80 -6.24 12.99
CA LEU B 134 40.52 -6.65 13.56
C LEU B 134 39.61 -5.45 13.58
N THR B 135 38.44 -5.59 12.98
CA THR B 135 37.48 -4.47 12.89
C THR B 135 36.01 -4.89 12.81
N LEU B 136 35.14 -3.90 12.97
CA LEU B 136 33.69 -4.11 12.96
C LEU B 136 33.21 -4.38 11.52
N ALA B 137 32.55 -5.53 11.33
CA ALA B 137 31.94 -5.88 10.06
C ALA B 137 30.48 -5.40 9.98
N ALA B 138 29.73 -5.60 11.05
CA ALA B 138 28.34 -5.19 11.16
C ALA B 138 27.85 -5.30 12.60
N SER B 139 26.85 -4.51 12.94
CA SER B 139 26.18 -4.61 14.24
C SER B 139 24.70 -4.82 14.01
N CYS B 140 24.10 -5.75 14.74
CA CYS B 140 22.72 -6.16 14.49
C CYS B 140 21.89 -6.16 15.75
N THR B 141 21.01 -5.18 15.88
CA THR B 141 20.16 -5.02 17.07
C THR B 141 18.72 -5.40 16.78
N ALA B 142 18.10 -6.11 17.74
CA ALA B 142 16.68 -6.34 17.77
C ALA B 142 16.14 -6.11 19.17
N GLU B 143 15.11 -5.29 19.25
CA GLU B 143 14.42 -5.07 20.51
C GLU B 143 13.04 -5.67 20.36
N GLY B 144 12.65 -6.40 21.38
CA GLY B 144 11.35 -6.99 21.43
C GLY B 144 11.09 -7.52 22.82
N SER B 145 9.86 -8.00 23.01
CA SER B 145 9.47 -8.54 24.26
C SER B 145 8.72 -9.82 23.99
N PRO B 146 9.23 -10.93 24.50
CA PRO B 146 10.44 -11.02 25.32
C PRO B 146 11.66 -10.76 24.49
N ALA B 147 12.82 -10.73 25.13
CA ALA B 147 14.09 -10.50 24.43
C ALA B 147 14.31 -11.46 23.26
N PRO B 148 14.53 -10.94 22.05
CA PRO B 148 14.88 -11.80 20.93
C PRO B 148 16.26 -12.44 21.06
N SER B 149 16.54 -13.44 20.22
CA SER B 149 17.84 -14.06 20.16
C SER B 149 18.48 -13.76 18.82
N VAL B 150 19.53 -12.94 18.84
CA VAL B 150 20.26 -12.59 17.64
C VAL B 150 21.49 -13.47 17.45
N THR B 151 21.61 -14.07 16.26
CA THR B 151 22.85 -14.76 15.88
C THR B 151 23.28 -14.37 14.46
N TRP B 152 24.46 -14.86 14.07
CA TRP B 152 25.03 -14.61 12.75
C TRP B 152 25.13 -15.88 11.97
N ASP B 153 24.81 -15.81 10.69
CA ASP B 153 24.99 -16.93 9.81
C ASP B 153 25.82 -16.50 8.59
N THR B 154 26.99 -17.11 8.43
CA THR B 154 27.96 -16.68 7.40
C THR B 154 29.02 -17.74 7.11
N GLU B 155 29.79 -17.51 6.07
CA GLU B 155 30.90 -18.38 5.70
C GLU B 155 32.26 -17.86 6.24
N VAL B 156 32.35 -16.54 6.39
CA VAL B 156 33.63 -15.89 6.66
C VAL B 156 33.96 -16.01 8.13
N LYS B 157 35.25 -15.90 8.42
CA LYS B 157 35.74 -16.21 9.76
C LYS B 157 35.80 -14.98 10.65
N GLY B 158 35.00 -14.98 11.72
CA GLY B 158 34.96 -13.85 12.66
C GLY B 158 34.48 -14.21 14.05
N THR B 159 34.69 -13.30 15.00
CA THR B 159 34.25 -13.48 16.37
C THR B 159 33.03 -12.59 16.59
N THR B 160 32.36 -12.80 17.71
CA THR B 160 31.21 -11.98 18.04
C THR B 160 31.27 -11.51 19.49
N SER B 161 30.56 -10.42 19.76
CA SER B 161 30.22 -10.02 21.10
C SER B 161 28.78 -9.67 21.01
N SER B 162 28.13 -9.56 22.17
CA SER B 162 26.74 -9.19 22.19
C SER B 162 26.35 -8.61 23.53
N ARG B 163 25.53 -7.57 23.56
CA ARG B 163 24.97 -7.03 24.81
C ARG B 163 23.48 -7.25 24.85
N SER B 164 22.91 -7.14 26.04
CA SER B 164 21.49 -7.37 26.16
C SER B 164 20.90 -6.50 27.25
N PHE B 165 20.33 -5.38 26.83
CA PHE B 165 19.84 -4.37 27.77
C PHE B 165 18.36 -4.55 28.00
N LYS B 166 17.99 -4.74 29.27
CA LYS B 166 16.59 -4.90 29.64
C LYS B 166 16.03 -3.54 29.90
N HIS B 167 15.06 -3.17 29.09
CA HIS B 167 14.37 -1.91 29.22
C HIS B 167 13.08 -2.07 29.97
N SER B 168 12.32 -0.99 30.06
CA SER B 168 11.14 -0.98 30.88
C SER B 168 10.24 -2.20 30.66
N ARG B 169 9.76 -2.39 29.43
CA ARG B 169 8.78 -3.46 29.14
C ARG B 169 9.27 -4.43 28.07
N SER B 170 10.53 -4.28 27.69
CA SER B 170 11.11 -5.02 26.57
C SER B 170 12.58 -5.29 26.82
N ALA B 171 13.25 -5.96 25.89
CA ALA B 171 14.68 -6.09 25.99
C ALA B 171 15.31 -5.98 24.62
N ALA B 172 16.38 -5.20 24.53
CA ALA B 172 17.14 -4.95 23.30
C ALA B 172 18.40 -5.77 23.38
N VAL B 173 18.62 -6.59 22.38
CA VAL B 173 19.84 -7.37 22.27
C VAL B 173 20.51 -7.02 20.99
N THR B 174 21.76 -6.57 21.09
CA THR B 174 22.56 -6.13 19.94
C THR B 174 23.76 -7.06 19.87
N SER B 175 24.24 -7.31 18.67
CA SER B 175 25.42 -8.11 18.46
C SER B 175 26.37 -7.56 17.39
N GLU B 176 27.63 -7.94 17.47
CA GLU B 176 28.64 -7.47 16.56
C GLU B 176 29.45 -8.64 15.99
N PHE B 177 29.74 -8.55 14.70
CA PHE B 177 30.67 -9.45 14.07
C PHE B 177 32.00 -8.74 13.83
N HIS B 178 33.10 -9.36 14.27
CA HIS B 178 34.44 -8.82 14.02
C HIS B 178 35.24 -9.75 13.18
N LEU B 179 36.12 -9.19 12.36
CA LEU B 179 36.95 -10.01 11.48
C LEU B 179 38.16 -9.25 10.95
N VAL B 180 39.22 -10.00 10.63
CA VAL B 180 40.35 -9.43 9.88
C VAL B 180 40.05 -9.49 8.36
N PRO B 181 39.91 -8.33 7.71
CA PRO B 181 39.48 -8.27 6.33
C PRO B 181 40.47 -8.88 5.36
N SER B 182 39.93 -9.48 4.33
CA SER B 182 40.69 -9.81 3.14
C SER B 182 39.71 -9.82 1.95
N ARG B 183 40.28 -9.88 0.75
CA ARG B 183 39.52 -9.91 -0.48
C ARG B 183 38.83 -11.29 -0.62
N SER B 184 39.50 -12.32 -0.10
CA SER B 184 38.94 -13.68 -0.07
C SER B 184 37.52 -13.74 0.58
N MET B 185 37.14 -12.67 1.28
CA MET B 185 35.79 -12.49 1.85
C MET B 185 34.95 -11.39 1.16
N ASN B 186 35.35 -11.01 -0.06
CA ASN B 186 34.68 -9.96 -0.83
C ASN B 186 33.52 -10.48 -1.67
N GLY B 187 32.35 -9.89 -1.50
CA GLY B 187 31.13 -10.36 -2.16
C GLY B 187 30.61 -11.63 -1.54
N GLN B 188 30.70 -11.68 -0.23
CA GLN B 188 30.30 -12.81 0.56
C GLN B 188 29.28 -12.29 1.57
N PRO B 189 28.14 -12.98 1.67
CA PRO B 189 27.08 -12.51 2.54
C PRO B 189 27.36 -12.74 4.01
N LEU B 190 27.21 -11.69 4.81
CA LEU B 190 27.15 -11.78 6.27
C LEU B 190 25.71 -11.48 6.69
N THR B 191 25.02 -12.48 7.22
CA THR B 191 23.61 -12.37 7.50
C THR B 191 23.34 -12.50 8.99
N CYS B 192 22.48 -11.62 9.47
CA CYS B 192 22.08 -11.57 10.87
C CYS B 192 20.74 -12.24 11.04
N VAL B 193 20.69 -13.31 11.83
CA VAL B 193 19.46 -14.10 11.99
C VAL B 193 18.85 -13.96 13.38
N VAL B 194 17.77 -13.17 13.46
CA VAL B 194 17.06 -12.91 14.74
C VAL B 194 15.78 -13.76 14.89
N SER B 195 15.61 -14.30 16.09
CA SER B 195 14.51 -15.19 16.40
C SER B 195 13.72 -14.78 17.65
N HIS B 196 12.39 -14.86 17.58
CA HIS B 196 11.47 -14.42 18.65
C HIS B 196 10.30 -15.39 18.70
N PRO B 197 9.65 -15.50 19.86
CA PRO B 197 8.53 -16.40 19.82
C PRO B 197 7.23 -15.75 19.41
N GLY B 198 7.16 -14.44 19.18
CA GLY B 198 5.98 -13.82 18.59
C GLY B 198 6.13 -13.81 17.09
N LEU B 199 7.12 -14.56 16.64
CA LEU B 199 7.54 -14.52 15.29
C LEU B 199 7.61 -15.94 14.78
N LEU B 200 6.68 -16.27 13.90
CA LEU B 200 6.53 -17.61 13.35
C LEU B 200 7.71 -17.99 12.52
N GLN B 201 8.47 -17.01 12.05
CA GLN B 201 9.45 -17.27 11.01
C GLN B 201 10.68 -16.35 11.15
N ASP B 202 11.85 -16.93 11.41
CA ASP B 202 13.00 -16.15 11.83
C ASP B 202 13.43 -15.10 10.82
N GLN B 203 13.60 -13.87 11.29
CA GLN B 203 14.04 -12.74 10.45
C GLN B 203 15.49 -12.94 10.05
N ARG B 204 15.82 -12.66 8.79
CA ARG B 204 17.21 -12.70 8.34
C ARG B 204 17.54 -11.48 7.46
N ILE B 205 18.44 -10.64 7.96
CA ILE B 205 18.96 -9.50 7.20
C ILE B 205 20.35 -9.87 6.69
N THR B 206 20.62 -9.54 5.43
CA THR B 206 21.93 -9.84 4.83
C THR B 206 22.71 -8.63 4.34
N HIS B 207 23.97 -8.56 4.78
CA HIS B 207 24.93 -7.55 4.33
C HIS B 207 25.97 -8.19 3.48
N ILE B 208 26.21 -7.64 2.29
CA ILE B 208 27.23 -8.18 1.38
C ILE B 208 28.55 -7.45 1.60
N LEU B 209 29.51 -8.20 2.13
CA LEU B 209 30.80 -7.64 2.54
C LEU B 209 31.68 -7.22 1.37
N HIS B 210 32.38 -6.10 1.53
CA HIS B 210 33.34 -5.67 0.53
C HIS B 210 34.62 -5.20 1.14
N VAL B 211 35.73 -5.77 0.68
CA VAL B 211 37.08 -5.44 1.13
C VAL B 211 37.88 -4.95 -0.08
N SER B 212 38.60 -3.84 0.11
CA SER B 212 39.03 -3.03 -1.03
C SER B 212 40.33 -3.44 -1.71
N HIS B 213 40.43 -2.98 -2.97
CA HIS B 213 41.47 -3.33 -3.99
C HIS B 213 42.79 -3.70 -3.39
N GLY C 1 -27.02 13.70 37.15
CA GLY C 1 -27.14 12.20 37.21
C GLY C 1 -26.31 11.56 38.32
N GLU C 2 -26.60 11.93 39.58
CA GLU C 2 -25.79 11.55 40.76
C GLU C 2 -26.27 10.26 41.41
N LEU C 3 -25.42 9.73 42.27
CA LEU C 3 -25.74 8.62 43.16
C LEU C 3 -25.78 9.11 44.60
N GLU C 4 -26.97 9.40 45.09
CA GLU C 4 -27.10 9.99 46.40
C GLU C 4 -27.10 8.99 47.52
N THR C 5 -26.56 9.44 48.64
CA THR C 5 -26.46 8.65 49.84
C THR C 5 -26.30 9.60 50.99
N SER C 6 -26.62 9.15 52.18
CA SER C 6 -26.38 9.96 53.36
C SER C 6 -24.88 10.21 53.49
N ASP C 7 -24.47 11.17 54.32
CA ASP C 7 -23.05 11.36 54.60
C ASP C 7 -22.65 10.58 55.85
N VAL C 8 -23.53 10.58 56.86
CA VAL C 8 -23.26 9.80 58.06
C VAL C 8 -24.52 9.27 58.75
N VAL C 9 -24.62 7.95 58.93
CA VAL C 9 -25.73 7.33 59.62
C VAL C 9 -25.32 7.10 61.08
N THR C 10 -26.29 7.31 61.98
CA THR C 10 -26.06 7.19 63.41
C THR C 10 -27.14 6.37 64.07
N VAL C 11 -26.73 5.25 64.63
CA VAL C 11 -27.62 4.36 65.36
C VAL C 11 -27.08 4.17 66.77
N VAL C 12 -27.97 3.90 67.71
CA VAL C 12 -27.52 3.44 69.01
C VAL C 12 -27.47 1.93 68.99
N LEU C 13 -26.65 1.40 69.85
CA LEU C 13 -26.44 -0.02 69.91
C LEU C 13 -27.75 -0.79 69.87
N GLY C 14 -27.79 -1.88 69.10
CA GLY C 14 -28.96 -2.75 69.03
C GLY C 14 -30.06 -2.30 68.09
N GLN C 15 -29.99 -1.06 67.61
CA GLN C 15 -30.97 -0.56 66.64
C GLN C 15 -30.63 -1.00 65.24
N ASP C 16 -31.62 -1.06 64.37
CA ASP C 16 -31.38 -1.45 62.97
C ASP C 16 -31.01 -0.19 62.17
N ALA C 17 -29.98 -0.29 61.31
CA ALA C 17 -29.46 0.86 60.55
C ALA C 17 -29.87 0.78 59.11
N LYS C 18 -30.30 1.90 58.56
CA LYS C 18 -30.65 1.94 57.15
C LYS C 18 -29.49 2.55 56.44
N LEU C 19 -28.89 1.76 55.55
CA LEU C 19 -27.87 2.26 54.67
C LEU C 19 -28.53 2.73 53.38
N PRO C 20 -28.56 4.05 53.16
CA PRO C 20 -29.25 4.62 52.04
C PRO C 20 -28.40 4.75 50.80
N CYS C 21 -29.01 4.46 49.67
CA CYS C 21 -28.35 4.55 48.39
C CYS C 21 -29.46 4.68 47.36
N PHE C 22 -29.68 5.89 46.84
CA PHE C 22 -30.65 6.12 45.79
C PHE C 22 -29.90 6.70 44.65
N TYR C 23 -30.41 6.43 43.46
CA TYR C 23 -29.86 6.94 42.21
C TYR C 23 -30.73 8.01 41.49
N ARG C 24 -30.24 9.26 41.48
CA ARG C 24 -30.77 10.28 40.58
C ARG C 24 -30.33 10.05 39.14
N GLY C 25 -31.20 10.28 38.17
CA GLY C 25 -30.77 10.23 36.77
C GLY C 25 -31.74 10.75 35.71
N ASP C 26 -31.20 11.04 34.53
CA ASP C 26 -32.02 11.22 33.29
C ASP C 26 -33.11 10.16 33.31
N SER C 27 -34.38 10.57 33.34
CA SER C 27 -35.52 9.64 33.60
C SER C 27 -35.43 8.27 32.92
N GLY C 28 -35.01 8.24 31.65
CA GLY C 28 -34.98 7.00 30.91
C GLY C 28 -33.79 6.09 31.11
N GLU C 29 -33.33 5.91 32.35
CA GLU C 29 -32.27 4.95 32.63
C GLU C 29 -32.48 4.13 33.90
N GLN C 30 -32.04 2.89 33.82
CA GLN C 30 -32.34 1.89 34.84
C GLN C 30 -31.09 1.31 35.49
N VAL C 31 -31.23 0.90 36.75
CA VAL C 31 -30.13 0.36 37.51
C VAL C 31 -30.18 -1.16 37.39
N GLY C 32 -29.00 -1.73 37.21
CA GLY C 32 -28.85 -3.12 36.84
C GLY C 32 -28.63 -3.98 38.05
N GLN C 33 -27.68 -3.56 38.88
CA GLN C 33 -27.35 -4.29 40.09
C GLN C 33 -26.60 -3.37 41.06
N VAL C 34 -26.96 -3.45 42.34
CA VAL C 34 -26.39 -2.61 43.40
C VAL C 34 -25.65 -3.46 44.42
N ALA C 35 -24.37 -3.20 44.61
CA ALA C 35 -23.58 -3.98 45.55
C ALA C 35 -23.14 -3.13 46.75
N TRP C 36 -23.17 -3.75 47.93
CA TRP C 36 -22.74 -3.12 49.19
C TRP C 36 -21.56 -3.80 49.80
N ALA C 37 -20.59 -3.04 50.24
CA ALA C 37 -19.46 -3.61 50.92
C ALA C 37 -18.90 -2.63 51.88
N ARG C 38 -18.02 -3.11 52.74
CA ARG C 38 -17.30 -2.24 53.62
C ARG C 38 -15.97 -1.83 53.03
N VAL C 39 -15.50 -0.64 53.38
CA VAL C 39 -14.24 -0.11 52.85
C VAL C 39 -13.07 -0.28 53.80
N ASP C 40 -11.91 -0.62 53.26
CA ASP C 40 -10.74 -0.76 54.14
C ASP C 40 -9.42 -0.88 53.35
N ALA C 41 -8.45 -0.02 53.68
CA ALA C 41 -7.05 -0.13 53.22
C ALA C 41 -6.19 -1.02 54.12
N GLY C 42 -6.66 -1.27 55.34
CA GLY C 42 -6.00 -2.21 56.25
C GLY C 42 -6.55 -3.62 56.18
N GLU C 43 -7.85 -3.74 55.89
CA GLU C 43 -8.53 -5.03 55.84
C GLU C 43 -9.26 -5.28 54.50
N GLY C 44 -8.94 -4.50 53.46
CA GLY C 44 -9.47 -4.78 52.09
C GLY C 44 -10.99 -4.65 52.04
N ALA C 45 -11.63 -5.43 51.16
CA ALA C 45 -13.10 -5.46 51.07
C ALA C 45 -13.66 -6.53 52.01
N GLN C 46 -14.76 -6.20 52.68
CA GLN C 46 -15.69 -7.21 53.20
C GLN C 46 -17.04 -6.93 52.60
N GLU C 47 -17.43 -7.74 51.62
CA GLU C 47 -18.70 -7.51 50.94
C GLU C 47 -19.87 -7.94 51.80
N LEU C 48 -20.96 -7.20 51.69
CA LEU C 48 -22.06 -7.28 52.61
C LEU C 48 -23.32 -7.90 52.00
N ALA C 49 -23.72 -7.41 50.85
CA ALA C 49 -24.87 -7.94 50.14
C ALA C 49 -24.95 -7.32 48.75
N LEU C 50 -25.55 -7.99 47.77
CA LEU C 50 -25.81 -7.36 46.47
C LEU C 50 -27.22 -7.63 46.05
N LEU C 51 -27.86 -6.66 45.40
CA LEU C 51 -29.19 -6.86 44.88
C LEU C 51 -29.31 -6.55 43.37
N HIS C 52 -29.91 -7.50 42.64
CA HIS C 52 -29.93 -7.51 41.19
C HIS C 52 -31.28 -7.15 40.76
N SER C 53 -31.32 -6.51 39.59
CA SER C 53 -32.54 -5.97 39.04
C SER C 53 -33.61 -7.04 39.00
N LYS C 54 -33.23 -8.27 38.63
CA LYS C 54 -34.19 -9.39 38.56
C LYS C 54 -34.20 -10.30 39.79
N TYR C 55 -33.03 -10.84 40.15
CA TYR C 55 -32.97 -11.96 41.08
C TYR C 55 -33.09 -11.58 42.55
N GLY C 56 -33.16 -10.29 42.84
CA GLY C 56 -33.35 -9.83 44.21
C GLY C 56 -32.04 -9.59 44.92
N LEU C 57 -32.07 -9.78 46.24
CA LEU C 57 -30.93 -9.61 47.11
C LEU C 57 -30.23 -10.91 47.31
N HIS C 58 -28.91 -10.87 47.42
CA HIS C 58 -28.15 -12.00 47.91
C HIS C 58 -27.20 -11.60 49.02
N VAL C 59 -27.51 -12.02 50.24
CA VAL C 59 -26.74 -11.53 51.40
C VAL C 59 -25.54 -12.43 51.52
N SER C 60 -24.37 -11.83 51.55
CA SER C 60 -23.17 -12.60 51.67
C SER C 60 -23.22 -13.36 52.99
N PRO C 61 -22.61 -14.57 53.05
CA PRO C 61 -22.71 -15.48 54.22
C PRO C 61 -22.27 -14.90 55.56
N ALA C 62 -21.32 -13.98 55.51
CA ALA C 62 -20.82 -13.35 56.71
C ALA C 62 -21.92 -12.50 57.34
N TYR C 63 -22.66 -11.76 56.51
CA TYR C 63 -23.83 -10.95 56.95
C TYR C 63 -25.14 -11.72 56.88
N GLU C 64 -25.05 -13.03 57.00
CA GLU C 64 -26.17 -13.97 57.14
C GLU C 64 -27.25 -13.38 58.02
N GLY C 65 -28.43 -13.19 57.47
CA GLY C 65 -29.60 -12.93 58.33
C GLY C 65 -29.59 -11.60 59.05
N ARG C 66 -28.64 -10.75 58.72
CA ARG C 66 -28.54 -9.48 59.36
C ARG C 66 -29.10 -8.42 58.44
N VAL C 67 -28.94 -8.64 57.15
CA VAL C 67 -29.32 -7.68 56.11
C VAL C 67 -30.70 -8.04 55.60
N GLU C 68 -31.49 -6.99 55.40
CA GLU C 68 -32.82 -7.08 54.84
C GLU C 68 -33.07 -5.86 53.96
N GLN C 69 -34.09 -5.93 53.11
CA GLN C 69 -34.54 -4.81 52.24
C GLN C 69 -35.64 -4.03 52.91
N PRO C 70 -35.77 -2.72 52.58
CA PRO C 70 -36.90 -1.92 53.08
C PRO C 70 -38.26 -2.37 52.52
N PRO C 71 -39.27 -2.48 53.39
CA PRO C 71 -40.53 -3.05 52.96
C PRO C 71 -41.12 -2.25 51.81
N PRO C 72 -41.81 -2.92 50.88
CA PRO C 72 -42.39 -2.17 49.75
C PRO C 72 -43.38 -1.03 50.13
N PRO C 73 -43.67 -0.14 49.17
CA PRO C 73 -43.11 -0.11 47.81
C PRO C 73 -41.71 0.50 47.81
N ARG C 74 -40.87 0.05 46.89
CA ARG C 74 -39.50 0.57 46.77
C ARG C 74 -39.18 0.87 45.30
N ASN C 75 -38.66 2.07 45.06
CA ASN C 75 -38.23 2.51 43.74
C ASN C 75 -37.17 1.52 43.24
N PRO C 76 -37.21 1.18 41.94
CA PRO C 76 -36.18 0.33 41.30
C PRO C 76 -34.76 0.87 41.44
N LEU C 77 -34.68 2.17 41.67
CA LEU C 77 -33.42 2.85 41.86
C LEU C 77 -33.05 3.06 43.30
N ASP C 78 -33.72 2.37 44.23
CA ASP C 78 -33.47 2.48 45.67
C ASP C 78 -32.83 1.25 46.21
N GLY C 79 -31.52 1.24 46.15
CA GLY C 79 -30.77 0.05 46.54
C GLY C 79 -30.50 0.03 48.04
N SER C 80 -31.18 0.91 48.75
CA SER C 80 -31.03 0.99 50.20
C SER C 80 -31.23 -0.37 50.85
N VAL C 81 -30.36 -0.67 51.80
CA VAL C 81 -30.44 -1.87 52.56
C VAL C 81 -30.59 -1.56 54.05
N LEU C 82 -30.99 -2.56 54.81
CA LEU C 82 -31.14 -2.42 56.25
C LEU C 82 -30.25 -3.35 57.03
N LEU C 83 -29.43 -2.80 57.91
CA LEU C 83 -28.53 -3.60 58.71
C LEU C 83 -29.18 -3.85 60.03
N ARG C 84 -29.52 -5.09 60.31
CA ARG C 84 -30.30 -5.35 61.50
C ARG C 84 -29.42 -5.51 62.73
N ASN C 85 -29.92 -4.98 63.84
CA ASN C 85 -29.29 -5.13 65.16
C ASN C 85 -27.82 -4.72 65.22
N ALA C 86 -27.59 -3.42 65.02
CA ALA C 86 -26.24 -2.86 64.94
C ALA C 86 -25.41 -3.07 66.20
N VAL C 87 -24.13 -3.39 66.01
CA VAL C 87 -23.18 -3.61 67.09
C VAL C 87 -21.98 -2.72 66.86
N GLN C 88 -21.11 -2.61 67.86
CA GLN C 88 -19.97 -1.70 67.73
C GLN C 88 -19.05 -2.03 66.55
N ALA C 89 -18.82 -3.31 66.29
CA ALA C 89 -17.94 -3.73 65.22
C ALA C 89 -18.45 -3.39 63.82
N ASP C 90 -19.63 -2.78 63.75
CA ASP C 90 -20.20 -2.33 62.49
C ASP C 90 -19.94 -0.87 62.24
N GLU C 91 -19.34 -0.20 63.22
CA GLU C 91 -18.90 1.17 62.99
C GLU C 91 -17.92 1.16 61.85
N GLY C 92 -17.94 2.20 61.04
CA GLY C 92 -16.99 2.33 59.95
C GLY C 92 -17.59 2.92 58.70
N GLU C 93 -16.87 2.78 57.59
CA GLU C 93 -17.26 3.35 56.32
C GLU C 93 -17.78 2.22 55.43
N TYR C 94 -18.68 2.54 54.51
CA TYR C 94 -19.34 1.56 53.64
C TYR C 94 -19.50 2.07 52.21
N GLU C 95 -19.14 1.25 51.23
CA GLU C 95 -19.24 1.65 49.84
C GLU C 95 -20.50 1.07 49.24
N CYS C 96 -21.21 1.90 48.49
CA CYS C 96 -22.36 1.46 47.71
C CYS C 96 -22.01 1.54 46.23
N ARG C 97 -21.72 0.41 45.61
CA ARG C 97 -21.46 0.37 44.16
C ARG C 97 -22.76 0.16 43.46
N VAL C 98 -22.91 0.79 42.32
CA VAL C 98 -24.17 0.75 41.55
C VAL C 98 -23.89 0.72 40.04
N SER C 99 -24.50 -0.25 39.35
CA SER C 99 -24.33 -0.41 37.93
C SER C 99 -25.56 0.07 37.20
N THR C 100 -25.37 0.93 36.22
CA THR C 100 -26.48 1.43 35.44
C THR C 100 -26.24 1.39 33.94
N PHE C 101 -27.35 1.51 33.21
CA PHE C 101 -27.29 1.50 31.78
C PHE C 101 -28.22 2.57 31.28
N PRO C 102 -27.80 3.26 30.20
CA PRO C 102 -26.52 3.12 29.51
C PRO C 102 -25.41 3.98 30.09
N ALA C 103 -25.62 4.50 31.30
CA ALA C 103 -24.73 5.48 31.90
C ALA C 103 -23.35 4.95 32.23
N GLY C 104 -23.31 3.82 32.93
CA GLY C 104 -22.07 3.26 33.47
C GLY C 104 -22.17 3.11 34.98
N SER C 105 -21.06 2.77 35.62
CA SER C 105 -21.08 2.49 37.05
C SER C 105 -20.75 3.69 37.93
N PHE C 106 -21.31 3.69 39.15
CA PHE C 106 -21.02 4.69 40.17
C PHE C 106 -20.74 4.12 41.55
N GLN C 107 -20.09 4.91 42.40
CA GLN C 107 -19.77 4.56 43.78
C GLN C 107 -20.10 5.73 44.68
N ALA C 108 -20.69 5.48 45.84
CA ALA C 108 -20.90 6.49 46.86
C ALA C 108 -20.64 5.83 48.20
N ARG C 109 -19.99 6.54 49.11
CA ARG C 109 -19.66 6.02 50.43
C ARG C 109 -20.56 6.59 51.49
N LEU C 110 -20.63 5.91 52.62
CA LEU C 110 -21.21 6.47 53.86
C LEU C 110 -20.54 5.92 55.10
N ARG C 111 -20.54 6.72 56.16
CA ARG C 111 -19.97 6.32 57.42
C ARG C 111 -21.03 6.04 58.45
N LEU C 112 -20.98 4.85 59.04
CA LEU C 112 -21.96 4.42 60.05
C LEU C 112 -21.38 4.61 61.43
N ARG C 113 -22.09 5.35 62.27
CA ARG C 113 -21.60 5.70 63.60
C ARG C 113 -22.49 5.07 64.64
N VAL C 114 -21.95 4.12 65.38
CA VAL C 114 -22.72 3.35 66.33
C VAL C 114 -22.45 3.85 67.72
N LEU C 115 -23.48 4.39 68.35
CA LEU C 115 -23.35 4.90 69.70
C LEU C 115 -23.58 3.76 70.68
N VAL C 116 -22.67 3.62 71.63
CA VAL C 116 -22.84 2.60 72.66
C VAL C 116 -22.82 3.23 74.06
N PRO C 117 -23.98 3.25 74.72
CA PRO C 117 -24.17 3.86 76.03
C PRO C 117 -23.45 3.06 77.10
N PRO C 118 -23.08 3.70 78.20
CA PRO C 118 -22.31 3.06 79.23
C PRO C 118 -23.18 2.30 80.20
N LEU C 119 -22.55 1.38 80.97
CA LEU C 119 -23.19 0.66 82.10
C LEU C 119 -22.48 0.93 83.45
N PRO C 120 -22.66 2.14 84.02
CA PRO C 120 -21.80 2.67 85.08
C PRO C 120 -21.79 1.90 86.37
N SER C 121 -20.77 2.16 87.18
CA SER C 121 -20.67 1.62 88.53
C SER C 121 -20.29 2.69 89.54
N LEU C 122 -20.98 2.75 90.68
CA LEU C 122 -20.48 3.50 91.81
C LEU C 122 -19.74 2.53 92.70
N ASN C 123 -18.54 2.92 93.14
CA ASN C 123 -17.74 2.13 94.07
C ASN C 123 -17.30 2.98 95.27
N PRO C 124 -17.93 2.76 96.41
CA PRO C 124 -17.60 3.51 97.63
C PRO C 124 -16.15 3.38 98.13
N GLY C 125 -15.65 4.49 98.70
CA GLY C 125 -14.36 4.54 99.32
C GLY C 125 -14.29 3.79 100.62
N PRO C 126 -13.19 3.99 101.33
CA PRO C 126 -13.05 3.30 102.59
C PRO C 126 -14.18 3.65 103.52
N ALA C 127 -14.25 2.88 104.60
CA ALA C 127 -15.18 3.15 105.68
C ALA C 127 -14.99 4.60 106.16
N LEU C 128 -16.08 5.35 106.15
CA LEU C 128 -16.03 6.77 106.49
C LEU C 128 -16.24 6.91 107.99
N GLU C 129 -15.23 7.44 108.67
CA GLU C 129 -15.28 7.76 110.10
C GLU C 129 -15.13 9.29 110.21
N GLU C 130 -15.39 9.80 111.43
CA GLU C 130 -15.08 11.17 111.86
C GLU C 130 -13.67 11.28 112.53
N GLY C 131 -12.73 11.83 111.76
CA GLY C 131 -11.30 11.77 112.12
C GLY C 131 -10.34 11.98 110.96
N GLN C 132 -10.64 11.41 109.80
CA GLN C 132 -9.76 11.50 108.64
C GLN C 132 -9.82 12.90 108.05
N GLY C 133 -8.81 13.24 107.26
CA GLY C 133 -8.78 14.51 106.53
C GLY C 133 -9.55 14.39 105.24
N LEU C 134 -8.98 14.97 104.17
CA LEU C 134 -9.52 14.77 102.82
C LEU C 134 -9.45 13.29 102.50
N THR C 135 -10.59 12.72 102.11
CA THR C 135 -10.72 11.29 101.84
C THR C 135 -11.69 10.93 100.72
N LEU C 136 -11.58 9.69 100.23
CA LEU C 136 -12.45 9.17 99.18
C LEU C 136 -13.85 8.87 99.72
N ALA C 137 -14.87 9.51 99.11
CA ALA C 137 -16.26 9.20 99.40
C ALA C 137 -16.70 8.02 98.58
N ALA C 138 -16.49 8.13 97.27
CA ALA C 138 -16.91 7.11 96.31
C ALA C 138 -16.26 7.42 94.96
N SER C 139 -16.12 6.43 94.11
CA SER C 139 -15.62 6.69 92.76
C SER C 139 -16.55 6.03 91.76
N CYS C 140 -16.84 6.77 90.70
CA CYS C 140 -17.87 6.38 89.73
C CYS C 140 -17.34 6.27 88.29
N THR C 141 -17.51 5.10 87.66
CA THR C 141 -16.91 4.81 86.36
C THR C 141 -17.90 4.38 85.28
N ALA C 142 -17.71 4.90 84.06
CA ALA C 142 -18.55 4.58 82.90
C ALA C 142 -17.75 4.52 81.59
N GLU C 143 -17.88 3.40 80.86
CA GLU C 143 -17.24 3.25 79.56
C GLU C 143 -18.30 3.23 78.50
N GLY C 144 -18.02 3.96 77.44
CA GLY C 144 -18.91 4.00 76.29
C GLY C 144 -18.27 4.73 75.13
N SER C 145 -18.94 4.69 73.99
CA SER C 145 -18.50 5.43 72.84
C SER C 145 -19.69 6.21 72.28
N PRO C 146 -19.56 7.53 72.19
CA PRO C 146 -18.38 8.31 72.54
C PRO C 146 -18.22 8.34 74.02
N ALA C 147 -17.11 8.91 74.48
CA ALA C 147 -16.80 8.99 75.91
C ALA C 147 -17.94 9.65 76.71
N PRO C 148 -18.43 8.97 77.76
CA PRO C 148 -19.50 9.57 78.56
C PRO C 148 -18.96 10.72 79.40
N SER C 149 -19.85 11.54 79.97
CA SER C 149 -19.44 12.62 80.90
C SER C 149 -20.01 12.34 82.32
N VAL C 150 -19.09 12.10 83.25
CA VAL C 150 -19.39 11.73 84.64
C VAL C 150 -19.33 12.96 85.58
N THR C 151 -20.44 13.25 86.24
CA THR C 151 -20.48 14.31 87.20
C THR C 151 -21.12 13.79 88.49
N TRP C 152 -21.11 14.66 89.50
CA TRP C 152 -21.68 14.36 90.81
C TRP C 152 -22.81 15.30 91.11
N ASP C 153 -23.89 14.77 91.68
CA ASP C 153 -24.99 15.59 92.14
C ASP C 153 -25.13 15.37 93.64
N THR C 154 -24.85 16.41 94.43
CA THR C 154 -24.88 16.30 95.88
C THR C 154 -24.99 17.66 96.57
N GLU C 155 -25.30 17.63 97.87
CA GLU C 155 -25.48 18.84 98.67
C GLU C 155 -24.22 19.19 99.46
N VAL C 156 -23.41 18.18 99.74
CA VAL C 156 -22.20 18.36 100.55
C VAL C 156 -21.10 18.97 99.70
N LYS C 157 -20.11 19.56 100.37
CA LYS C 157 -18.97 20.22 99.71
C LYS C 157 -17.71 19.34 99.60
N GLY C 158 -17.03 19.48 98.47
CA GLY C 158 -15.74 18.85 98.25
C GLY C 158 -15.37 18.75 96.78
N THR C 159 -14.15 18.31 96.52
CA THR C 159 -13.59 18.34 95.16
C THR C 159 -13.62 17.00 94.41
N THR C 160 -13.37 17.05 93.12
CA THR C 160 -13.32 15.84 92.31
C THR C 160 -12.07 15.81 91.44
N SER C 161 -11.80 14.62 90.92
CA SER C 161 -10.70 14.36 90.02
C SER C 161 -11.19 13.29 89.12
N SER C 162 -10.53 13.14 87.98
CA SER C 162 -10.96 12.21 86.98
C SER C 162 -9.82 11.65 86.16
N ARG C 163 -10.11 10.54 85.52
CA ARG C 163 -9.34 10.11 84.37
C ARG C 163 -10.22 9.70 83.20
N SER C 164 -9.61 9.62 82.03
CA SER C 164 -10.39 9.26 80.87
C SER C 164 -9.56 8.53 79.87
N PHE C 165 -9.62 7.21 79.95
CA PHE C 165 -8.72 6.35 79.20
C PHE C 165 -9.40 5.95 77.91
N LYS C 166 -8.73 6.25 76.80
CA LYS C 166 -9.24 5.85 75.52
C LYS C 166 -8.89 4.41 75.38
N HIS C 167 -9.91 3.56 75.37
CA HIS C 167 -9.73 2.14 75.07
C HIS C 167 -9.82 1.93 73.58
N SER C 168 -9.78 0.68 73.12
CA SER C 168 -9.66 0.40 71.67
C SER C 168 -10.65 1.25 70.88
N ARG C 169 -11.93 1.05 71.14
CA ARG C 169 -12.96 1.67 70.31
C ARG C 169 -13.94 2.51 71.10
N SER C 170 -13.54 2.83 72.32
CA SER C 170 -14.46 3.48 73.25
C SER C 170 -13.62 4.26 74.23
N ALA C 171 -14.27 4.93 75.17
CA ALA C 171 -13.56 5.59 76.27
C ALA C 171 -14.20 5.21 77.59
N ALA C 172 -13.34 4.99 78.58
CA ALA C 172 -13.72 4.72 79.95
C ALA C 172 -13.28 5.86 80.83
N VAL C 173 -14.28 6.56 81.36
CA VAL C 173 -14.03 7.70 82.20
C VAL C 173 -14.43 7.32 83.62
N THR C 174 -13.62 7.76 84.58
CA THR C 174 -13.92 7.58 85.99
C THR C 174 -13.81 8.93 86.67
N SER C 175 -14.65 9.12 87.70
CA SER C 175 -14.56 10.30 88.54
C SER C 175 -14.50 9.96 90.03
N GLU C 176 -13.93 10.87 90.83
CA GLU C 176 -13.75 10.60 92.26
C GLU C 176 -14.19 11.78 93.08
N PHE C 177 -15.05 11.53 94.06
CA PHE C 177 -15.50 12.58 94.97
C PHE C 177 -14.73 12.54 96.27
N HIS C 178 -14.22 13.70 96.67
CA HIS C 178 -13.46 13.79 97.90
C HIS C 178 -14.05 14.79 98.82
N LEU C 179 -13.92 14.55 100.12
CA LEU C 179 -14.48 15.47 101.10
C LEU C 179 -13.89 15.29 102.49
N VAL C 180 -13.88 16.38 103.25
CA VAL C 180 -13.55 16.31 104.68
C VAL C 180 -14.80 15.90 105.47
N PRO C 181 -14.76 14.73 106.10
CA PRO C 181 -15.99 14.20 106.70
C PRO C 181 -16.59 14.96 107.88
N SER C 182 -17.87 14.69 108.08
CA SER C 182 -18.61 15.10 109.28
C SER C 182 -19.57 13.94 109.59
N ARG C 183 -20.18 14.03 110.77
CA ARG C 183 -21.21 13.13 111.26
C ARG C 183 -22.55 13.83 111.16
N SER C 184 -22.62 14.67 110.11
CA SER C 184 -23.67 15.56 109.70
C SER C 184 -23.95 15.41 108.23
N MET C 185 -23.02 14.77 107.54
CA MET C 185 -23.24 14.30 106.18
C MET C 185 -23.82 12.90 106.24
N ASN C 186 -24.34 12.52 107.39
CA ASN C 186 -24.88 11.15 107.60
C ASN C 186 -26.27 11.00 107.03
N GLY C 187 -26.47 9.95 106.23
CA GLY C 187 -27.75 9.73 105.58
C GLY C 187 -27.99 10.80 104.53
N GLN C 188 -26.93 11.49 104.11
CA GLN C 188 -26.98 12.47 103.04
C GLN C 188 -26.59 11.82 101.72
N PRO C 189 -27.39 12.01 100.66
CA PRO C 189 -27.14 11.34 99.38
C PRO C 189 -26.02 11.97 98.55
N LEU C 190 -25.07 11.14 98.14
CA LEU C 190 -24.04 11.50 97.15
C LEU C 190 -24.28 10.66 95.91
N THR C 191 -24.69 11.32 94.83
CA THR C 191 -25.09 10.59 93.63
C THR C 191 -24.20 10.89 92.44
N CYS C 192 -23.80 9.83 91.75
CA CYS C 192 -23.01 9.95 90.54
C CYS C 192 -23.95 10.02 89.38
N VAL C 193 -23.81 11.04 88.53
CA VAL C 193 -24.63 11.17 87.33
C VAL C 193 -23.82 11.15 86.01
N VAL C 194 -23.93 10.03 85.29
CA VAL C 194 -23.30 9.88 83.97
C VAL C 194 -24.23 10.21 82.79
N SER C 195 -23.68 10.90 81.79
CA SER C 195 -24.41 11.33 80.61
C SER C 195 -23.77 10.92 79.29
N HIS C 196 -24.61 10.51 78.34
CA HIS C 196 -24.17 9.98 77.05
C HIS C 196 -25.15 10.34 75.94
N PRO C 197 -24.69 10.41 74.67
CA PRO C 197 -25.51 10.68 73.48
C PRO C 197 -26.52 9.59 73.17
N GLY C 198 -26.15 8.38 73.49
CA GLY C 198 -26.97 7.23 73.14
C GLY C 198 -27.99 6.94 74.19
N LEU C 199 -28.14 7.87 75.12
CA LEU C 199 -28.96 7.67 76.27
C LEU C 199 -29.87 8.88 76.36
N LEU C 200 -31.16 8.65 76.11
CA LEU C 200 -32.22 9.69 76.16
C LEU C 200 -32.35 10.29 77.55
N GLN C 201 -32.01 9.46 78.53
CA GLN C 201 -32.09 9.84 79.91
C GLN C 201 -30.77 9.56 80.63
N ASP C 202 -30.21 10.62 81.19
CA ASP C 202 -28.99 10.51 81.98
C ASP C 202 -29.19 9.52 83.12
N GLN C 203 -28.25 8.59 83.24
CA GLN C 203 -28.28 7.53 84.24
C GLN C 203 -27.50 7.85 85.50
N ARG C 204 -28.17 7.77 86.64
CA ARG C 204 -27.54 8.08 87.91
C ARG C 204 -27.75 7.06 89.05
N ILE C 205 -26.66 6.79 89.76
CA ILE C 205 -26.65 5.92 90.94
C ILE C 205 -26.38 6.74 92.20
N THR C 206 -27.26 6.64 93.21
CA THR C 206 -27.06 7.32 94.49
C THR C 206 -26.47 6.40 95.53
N HIS C 207 -25.50 6.94 96.29
CA HIS C 207 -24.91 6.25 97.43
C HIS C 207 -25.16 7.04 98.67
N ILE C 208 -25.82 6.44 99.66
CA ILE C 208 -26.17 7.18 100.89
C ILE C 208 -25.01 7.12 101.88
N LEU C 209 -24.45 8.29 102.21
CA LEU C 209 -23.23 8.39 103.03
C LEU C 209 -23.45 8.05 104.50
N HIS C 210 -22.46 7.39 105.11
CA HIS C 210 -22.45 7.18 106.55
C HIS C 210 -21.09 7.40 107.15
N VAL C 211 -21.04 7.97 108.36
CA VAL C 211 -19.77 8.24 109.07
C VAL C 211 -19.56 7.35 110.32
N GLU D 2 20.43 -22.79 -27.27
CA GLU D 2 19.60 -21.54 -27.22
C GLU D 2 20.28 -20.46 -26.38
N LEU D 3 20.48 -19.27 -26.94
CA LEU D 3 21.00 -18.13 -26.18
C LEU D 3 19.86 -17.39 -25.52
N GLU D 4 19.83 -17.33 -24.19
CA GLU D 4 18.72 -16.71 -23.46
C GLU D 4 18.80 -15.18 -23.44
N THR D 5 17.63 -14.55 -23.66
CA THR D 5 17.49 -13.10 -23.70
C THR D 5 16.01 -12.77 -23.42
N SER D 6 15.73 -11.69 -22.69
CA SER D 6 14.32 -11.35 -22.39
C SER D 6 13.59 -10.97 -23.66
N ASP D 7 12.25 -10.93 -23.61
CA ASP D 7 11.48 -10.51 -24.80
C ASP D 7 11.27 -9.00 -24.91
N VAL D 8 10.56 -8.41 -23.96
CA VAL D 8 10.51 -6.95 -23.84
C VAL D 8 11.48 -6.58 -22.75
N VAL D 9 12.18 -5.48 -22.98
CA VAL D 9 12.72 -4.68 -21.88
C VAL D 9 12.05 -3.32 -21.81
N THR D 10 11.81 -2.86 -20.59
CA THR D 10 11.05 -1.66 -20.36
C THR D 10 11.77 -0.75 -19.37
N VAL D 11 12.10 0.46 -19.83
CA VAL D 11 12.62 1.51 -18.94
C VAL D 11 11.80 2.80 -19.07
N VAL D 12 11.79 3.61 -18.02
CA VAL D 12 11.23 4.96 -18.11
C VAL D 12 12.32 5.92 -18.56
N LEU D 13 11.90 7.02 -19.19
CA LEU D 13 12.81 8.04 -19.70
C LEU D 13 13.82 8.46 -18.61
N GLY D 14 15.10 8.47 -18.96
CA GLY D 14 16.19 8.77 -18.02
C GLY D 14 16.75 7.62 -17.17
N GLN D 15 16.08 6.46 -17.19
CA GLN D 15 16.51 5.24 -16.47
C GLN D 15 17.57 4.50 -17.31
N ASP D 16 18.33 3.63 -16.63
CA ASP D 16 19.34 2.80 -17.30
C ASP D 16 18.72 1.48 -17.77
N ALA D 17 19.00 1.11 -19.01
CA ALA D 17 18.47 -0.10 -19.61
C ALA D 17 19.56 -1.16 -19.54
N LYS D 18 19.22 -2.36 -19.07
CA LYS D 18 20.13 -3.52 -19.21
C LYS D 18 19.61 -4.40 -20.33
N LEU D 19 20.39 -4.50 -21.39
CA LEU D 19 20.10 -5.43 -22.47
C LEU D 19 20.76 -6.76 -22.13
N PRO D 20 19.94 -7.79 -21.84
CA PRO D 20 20.42 -9.09 -21.41
C PRO D 20 20.75 -10.03 -22.54
N CYS D 21 21.85 -10.75 -22.39
CA CYS D 21 22.29 -11.73 -23.39
C CYS D 21 23.21 -12.72 -22.69
N PHE D 22 22.73 -13.93 -22.44
CA PHE D 22 23.58 -14.96 -21.86
C PHE D 22 23.41 -16.29 -22.57
N TYR D 23 24.52 -17.02 -22.74
CA TYR D 23 24.52 -18.29 -23.48
C TYR D 23 24.59 -19.53 -22.59
N ARG D 24 23.43 -20.18 -22.42
CA ARG D 24 23.29 -21.45 -21.68
C ARG D 24 23.40 -22.70 -22.57
N GLY D 25 24.24 -23.66 -22.18
CA GLY D 25 24.43 -24.89 -22.94
C GLY D 25 25.37 -25.94 -22.34
N ASP D 26 25.95 -26.79 -23.18
CA ASP D 26 26.92 -27.81 -22.69
C ASP D 26 28.20 -27.12 -22.24
N SER D 27 28.34 -26.89 -20.93
CA SER D 27 29.41 -26.01 -20.36
C SER D 27 30.78 -26.03 -21.03
N GLY D 28 31.28 -27.20 -21.40
CA GLY D 28 32.63 -27.30 -21.99
C GLY D 28 33.00 -26.25 -23.06
N GLU D 29 31.98 -25.60 -23.58
CA GLU D 29 32.15 -24.52 -24.58
C GLU D 29 32.36 -23.10 -24.03
N GLN D 30 33.10 -22.31 -24.80
CA GLN D 30 33.46 -20.93 -24.44
C GLN D 30 32.89 -19.93 -25.46
N VAL D 31 32.59 -18.71 -25.01
CA VAL D 31 32.20 -17.65 -25.93
C VAL D 31 33.42 -16.87 -26.34
N GLY D 32 33.45 -16.49 -27.61
CA GLY D 32 34.59 -15.80 -28.20
C GLY D 32 34.41 -14.30 -28.13
N GLN D 33 33.26 -13.84 -28.60
CA GLN D 33 32.98 -12.41 -28.69
C GLN D 33 31.48 -12.17 -28.89
N VAL D 34 30.96 -11.12 -28.24
CA VAL D 34 29.54 -10.78 -28.26
C VAL D 34 29.33 -9.37 -28.78
N ALA D 35 28.59 -9.23 -29.90
CA ALA D 35 28.33 -7.91 -30.50
C ALA D 35 26.87 -7.51 -30.41
N TRP D 36 26.63 -6.23 -30.15
CA TRP D 36 25.29 -5.66 -30.01
C TRP D 36 25.02 -4.70 -31.12
N ALA D 37 24.02 -5.01 -31.92
CA ALA D 37 23.57 -4.14 -32.97
C ALA D 37 22.13 -3.77 -32.75
N ARG D 38 21.70 -2.77 -33.50
CA ARG D 38 20.34 -2.29 -33.42
C ARG D 38 19.69 -2.51 -34.79
N VAL D 39 18.88 -3.55 -34.89
CA VAL D 39 18.23 -3.83 -36.16
C VAL D 39 17.10 -2.84 -36.27
N ASP D 40 17.04 -2.12 -37.39
CA ASP D 40 16.07 -1.04 -37.61
C ASP D 40 15.15 -1.37 -38.79
N ALA D 41 13.88 -0.98 -38.64
CA ALA D 41 12.83 -1.31 -39.60
C ALA D 41 12.90 -0.44 -40.86
N GLY D 42 13.08 0.87 -40.65
CA GLY D 42 13.09 1.86 -41.72
C GLY D 42 14.46 2.30 -42.20
N GLU D 43 15.43 2.38 -41.29
CA GLU D 43 16.76 2.93 -41.58
C GLU D 43 17.79 1.82 -41.95
N GLY D 44 18.32 1.13 -40.94
CA GLY D 44 19.29 0.06 -41.06
C GLY D 44 19.92 -0.30 -39.73
N ALA D 45 21.03 -1.02 -39.78
CA ALA D 45 21.57 -1.68 -38.58
C ALA D 45 22.56 -0.77 -37.87
N GLN D 46 22.28 -0.41 -36.61
CA GLN D 46 23.08 0.55 -35.86
C GLN D 46 23.92 -0.23 -34.85
N GLU D 47 25.20 -0.39 -35.15
CA GLU D 47 26.11 -1.14 -34.27
C GLU D 47 26.25 -0.33 -32.97
N LEU D 48 26.01 -1.00 -31.84
CA LEU D 48 26.16 -0.37 -30.50
C LEU D 48 27.56 -0.52 -29.94
N ALA D 49 27.91 -1.74 -29.57
CA ALA D 49 29.21 -2.06 -29.00
C ALA D 49 29.46 -3.54 -29.08
N LEU D 50 30.70 -3.94 -28.85
CA LEU D 50 31.08 -5.35 -28.85
C LEU D 50 32.04 -5.65 -27.70
N LEU D 51 31.94 -6.85 -27.12
CA LEU D 51 32.86 -7.28 -26.08
C LEU D 51 33.51 -8.64 -26.39
N HIS D 52 34.84 -8.67 -26.29
CA HIS D 52 35.69 -9.78 -26.73
C HIS D 52 36.34 -10.48 -25.56
N SER D 53 36.52 -11.80 -25.69
CA SER D 53 37.05 -12.66 -24.60
C SER D 53 38.08 -12.00 -23.68
N LYS D 54 39.20 -11.57 -24.25
CA LYS D 54 40.29 -10.96 -23.48
C LYS D 54 40.26 -9.43 -23.50
N TYR D 55 40.22 -8.83 -24.69
CA TYR D 55 40.47 -7.38 -24.83
C TYR D 55 39.29 -6.50 -24.40
N GLY D 56 38.18 -7.08 -23.98
CA GLY D 56 37.17 -6.33 -23.26
C GLY D 56 36.14 -5.76 -24.19
N LEU D 57 35.80 -4.48 -24.02
CA LEU D 57 34.64 -3.86 -24.65
C LEU D 57 34.91 -2.56 -25.44
N HIS D 58 34.41 -2.51 -26.68
CA HIS D 58 34.58 -1.34 -27.54
C HIS D 58 33.24 -0.71 -27.81
N VAL D 59 33.03 0.49 -27.29
CA VAL D 59 31.81 1.24 -27.57
C VAL D 59 32.02 2.01 -28.88
N SER D 60 30.98 2.05 -29.69
CA SER D 60 31.00 2.65 -31.03
C SER D 60 30.96 4.17 -31.02
N PRO D 61 31.43 4.80 -32.13
CA PRO D 61 31.60 6.26 -32.19
C PRO D 61 30.38 7.06 -31.73
N ALA D 62 29.18 6.57 -32.09
CA ALA D 62 27.93 7.25 -31.76
C ALA D 62 27.62 7.21 -30.27
N TYR D 63 27.70 6.01 -29.68
CA TYR D 63 27.24 5.77 -28.33
C TYR D 63 28.35 5.97 -27.29
N GLU D 64 29.34 6.79 -27.63
CA GLU D 64 30.48 7.03 -26.75
C GLU D 64 29.99 7.65 -25.44
N GLY D 65 30.22 6.93 -24.34
CA GLY D 65 29.87 7.37 -22.97
C GLY D 65 28.50 6.97 -22.40
N ARG D 66 27.66 6.31 -23.21
CA ARG D 66 26.31 5.91 -22.77
C ARG D 66 26.26 4.38 -22.59
N VAL D 67 27.22 3.65 -23.14
CA VAL D 67 27.21 2.20 -23.03
C VAL D 67 28.35 1.74 -22.14
N GLU D 68 28.01 0.90 -21.16
CA GLU D 68 28.94 0.41 -20.16
C GLU D 68 28.59 -1.03 -19.77
N GLN D 69 29.54 -1.68 -19.12
CA GLN D 69 29.42 -3.06 -18.72
C GLN D 69 28.66 -3.15 -17.41
N PRO D 70 28.02 -4.30 -17.11
CA PRO D 70 27.49 -4.53 -15.76
C PRO D 70 28.60 -4.63 -14.71
N PRO D 71 28.31 -4.30 -13.44
CA PRO D 71 29.25 -4.54 -12.34
C PRO D 71 29.52 -6.02 -12.12
N PRO D 72 30.73 -6.38 -11.70
CA PRO D 72 31.03 -7.81 -11.47
C PRO D 72 30.05 -8.57 -10.52
N PRO D 73 30.02 -9.92 -10.60
CA PRO D 73 30.86 -10.74 -11.48
C PRO D 73 30.36 -10.80 -12.91
N ARG D 74 31.29 -10.99 -13.85
CA ARG D 74 30.93 -11.31 -15.26
C ARG D 74 31.34 -12.73 -15.61
N ASN D 75 30.36 -13.62 -15.53
CA ASN D 75 30.43 -14.96 -16.12
C ASN D 75 30.77 -14.80 -17.59
N PRO D 76 31.84 -15.42 -18.04
CA PRO D 76 32.25 -15.26 -19.44
C PRO D 76 31.10 -15.51 -20.43
N LEU D 77 30.17 -16.37 -20.05
CA LEU D 77 29.02 -16.63 -20.90
C LEU D 77 28.19 -15.36 -21.07
N ASP D 78 28.28 -14.46 -20.10
CA ASP D 78 27.42 -13.27 -20.06
C ASP D 78 27.94 -12.03 -20.80
N GLY D 79 27.11 -11.52 -21.72
CA GLY D 79 27.42 -10.40 -22.58
C GLY D 79 26.26 -9.41 -22.51
N SER D 80 25.78 -9.15 -21.30
CA SER D 80 24.80 -8.11 -21.11
C SER D 80 25.49 -6.76 -21.11
N VAL D 81 24.88 -5.78 -21.76
CA VAL D 81 25.41 -4.40 -21.77
C VAL D 81 24.40 -3.49 -21.09
N LEU D 82 24.88 -2.38 -20.53
CA LEU D 82 24.00 -1.37 -19.89
C LEU D 82 23.92 -0.10 -20.72
N LEU D 83 22.71 0.36 -20.96
CA LEU D 83 22.47 1.57 -21.73
C LEU D 83 22.09 2.66 -20.75
N ARG D 84 23.00 3.61 -20.55
CA ARG D 84 22.79 4.65 -19.58
C ARG D 84 21.95 5.77 -20.17
N ASN D 85 21.07 6.30 -19.34
CA ASN D 85 20.20 7.43 -19.67
C ASN D 85 19.37 7.21 -20.93
N ALA D 86 18.43 6.27 -20.86
CA ALA D 86 17.49 5.96 -21.97
C ALA D 86 16.66 7.19 -22.39
N VAL D 87 16.53 7.40 -23.70
CA VAL D 87 15.97 8.65 -24.23
C VAL D 87 15.11 8.36 -25.47
N GLN D 88 14.43 9.38 -25.97
CA GLN D 88 13.70 9.27 -27.23
C GLN D 88 14.55 8.71 -28.35
N ALA D 89 14.00 7.72 -29.04
CA ALA D 89 14.68 7.08 -30.19
C ALA D 89 15.60 5.92 -29.83
N ASP D 90 15.75 5.61 -28.54
CA ASP D 90 16.43 4.37 -28.14
C ASP D 90 15.37 3.27 -27.94
N GLU D 91 14.10 3.66 -28.05
CA GLU D 91 13.00 2.73 -28.25
C GLU D 91 13.23 2.03 -29.58
N GLY D 92 12.98 0.72 -29.63
CA GLY D 92 13.23 -0.07 -30.83
C GLY D 92 13.72 -1.48 -30.57
N GLU D 93 14.27 -2.12 -31.60
CA GLU D 93 14.67 -3.54 -31.56
C GLU D 93 16.20 -3.62 -31.55
N TYR D 94 16.72 -4.69 -30.94
CA TYR D 94 18.17 -4.86 -30.77
C TYR D 94 18.62 -6.31 -30.96
N GLU D 95 19.66 -6.52 -31.74
CA GLU D 95 20.20 -7.87 -31.96
C GLU D 95 21.37 -8.11 -31.09
N CYS D 96 21.47 -9.34 -30.62
CA CYS D 96 22.61 -9.80 -29.88
C CYS D 96 23.23 -11.00 -30.60
N ARG D 97 24.16 -10.71 -31.49
CA ARG D 97 24.89 -11.75 -32.20
C ARG D 97 26.06 -12.17 -31.31
N VAL D 98 26.16 -13.47 -31.00
CA VAL D 98 27.27 -14.04 -30.22
C VAL D 98 27.99 -15.16 -30.96
N SER D 99 29.29 -15.29 -30.71
CA SER D 99 30.12 -16.29 -31.39
C SER D 99 30.69 -17.28 -30.38
N THR D 100 30.31 -18.55 -30.52
CA THR D 100 30.74 -19.59 -29.59
C THR D 100 31.39 -20.76 -30.30
N PHE D 101 32.13 -21.57 -29.54
CA PHE D 101 32.87 -22.70 -30.09
C PHE D 101 32.71 -23.92 -29.19
N PRO D 102 32.64 -25.13 -29.79
CA PRO D 102 32.61 -25.40 -31.23
C PRO D 102 31.20 -25.37 -31.83
N ALA D 103 30.23 -24.87 -31.08
CA ALA D 103 28.82 -24.95 -31.46
C ALA D 103 28.51 -24.13 -32.71
N GLY D 104 29.06 -22.90 -32.77
CA GLY D 104 28.79 -21.96 -33.87
C GLY D 104 28.35 -20.62 -33.29
N SER D 105 27.89 -19.72 -34.15
CA SER D 105 27.42 -18.41 -33.69
C SER D 105 25.92 -18.36 -33.53
N PHE D 106 25.46 -17.81 -32.39
CA PHE D 106 24.03 -17.75 -32.04
C PHE D 106 23.57 -16.30 -32.16
N GLN D 107 22.25 -16.12 -32.22
CA GLN D 107 21.66 -14.80 -32.32
C GLN D 107 20.42 -14.70 -31.44
N ALA D 108 20.16 -13.51 -30.91
CA ALA D 108 19.01 -13.30 -30.04
C ALA D 108 18.63 -11.84 -30.09
N ARG D 109 17.32 -11.55 -30.24
CA ARG D 109 16.83 -10.18 -30.34
C ARG D 109 16.01 -9.80 -29.11
N LEU D 110 15.86 -8.50 -28.95
CA LEU D 110 14.93 -7.94 -27.97
C LEU D 110 14.39 -6.58 -28.41
N ARG D 111 13.21 -6.26 -27.92
CA ARG D 111 12.56 -5.01 -28.17
C ARG D 111 12.55 -4.16 -26.90
N LEU D 112 13.16 -2.97 -26.97
CA LEU D 112 13.25 -2.07 -25.83
C LEU D 112 12.13 -1.05 -25.88
N ARG D 113 11.38 -0.93 -24.80
CA ARG D 113 10.26 0.00 -24.73
C ARG D 113 10.61 1.09 -23.75
N VAL D 114 10.76 2.32 -24.24
CA VAL D 114 11.00 3.47 -23.38
C VAL D 114 9.71 4.17 -23.08
N LEU D 115 9.36 4.22 -21.80
CA LEU D 115 8.16 4.91 -21.36
C LEU D 115 8.52 6.36 -21.14
N VAL D 116 7.70 7.28 -21.69
CA VAL D 116 7.84 8.70 -21.36
C VAL D 116 6.59 9.27 -20.67
N PRO D 117 6.73 9.66 -19.39
CA PRO D 117 5.64 10.14 -18.55
C PRO D 117 5.21 11.53 -18.97
N PRO D 118 3.99 11.92 -18.62
CA PRO D 118 3.50 13.24 -19.00
C PRO D 118 3.86 14.34 -18.03
N LEU D 119 3.74 15.60 -18.47
CA LEU D 119 3.75 16.79 -17.59
C LEU D 119 2.43 17.63 -17.68
N PRO D 120 1.39 17.22 -16.95
CA PRO D 120 0.05 17.79 -17.11
C PRO D 120 -0.06 19.32 -17.00
N SER D 121 -1.02 19.90 -17.72
CA SER D 121 -1.44 21.30 -17.52
C SER D 121 -2.97 21.39 -17.34
N LEU D 122 -3.41 22.45 -16.68
CA LEU D 122 -4.82 22.65 -16.44
C LEU D 122 -5.15 24.11 -16.79
N ASN D 123 -5.80 24.32 -17.92
CA ASN D 123 -6.14 25.68 -18.36
C ASN D 123 -7.51 26.02 -17.73
N PRO D 124 -7.73 27.26 -17.24
CA PRO D 124 -9.01 27.60 -16.60
C PRO D 124 -10.10 28.05 -17.57
N GLY D 125 -11.31 27.55 -17.36
CA GLY D 125 -12.47 28.03 -18.09
C GLY D 125 -12.75 29.50 -17.80
N PRO D 126 -13.57 30.16 -18.63
CA PRO D 126 -13.90 31.54 -18.28
C PRO D 126 -14.52 31.65 -16.87
N ALA D 127 -14.52 32.87 -16.35
CA ALA D 127 -15.02 33.14 -15.02
C ALA D 127 -16.48 32.70 -14.86
N LEU D 128 -16.71 31.89 -13.83
CA LEU D 128 -18.02 31.30 -13.60
C LEU D 128 -18.83 32.21 -12.67
N GLU D 129 -20.04 32.58 -13.09
CA GLU D 129 -21.02 33.32 -12.28
C GLU D 129 -22.43 32.70 -12.40
N GLU D 130 -23.40 33.33 -11.79
CA GLU D 130 -24.74 32.74 -11.72
C GLU D 130 -25.44 32.50 -13.06
N GLY D 131 -25.59 31.23 -13.40
CA GLY D 131 -26.55 30.87 -14.42
C GLY D 131 -26.16 31.40 -15.78
N GLN D 132 -24.89 31.14 -16.13
CA GLN D 132 -24.37 31.23 -17.51
C GLN D 132 -24.53 29.78 -18.14
N GLY D 133 -25.40 29.03 -17.48
CA GLY D 133 -25.70 27.64 -17.78
C GLY D 133 -24.52 26.70 -17.82
N LEU D 134 -24.64 25.65 -18.62
CA LEU D 134 -23.58 24.68 -18.75
C LEU D 134 -22.37 25.37 -19.36
N THR D 135 -21.23 25.24 -18.68
CA THR D 135 -19.98 25.88 -19.15
C THR D 135 -18.68 25.16 -18.73
N LEU D 136 -17.57 25.57 -19.32
CA LEU D 136 -16.25 24.99 -19.04
C LEU D 136 -15.74 25.44 -17.68
N ALA D 137 -15.42 24.46 -16.83
CA ALA D 137 -14.75 24.74 -15.57
C ALA D 137 -13.25 24.81 -15.79
N ALA D 138 -12.73 23.75 -16.41
CA ALA D 138 -11.29 23.59 -16.67
C ALA D 138 -11.07 22.51 -17.74
N SER D 139 -9.98 22.65 -18.50
CA SER D 139 -9.52 21.59 -19.40
C SER D 139 -8.19 21.10 -18.84
N CYS D 140 -7.95 19.79 -18.89
CA CYS D 140 -6.73 19.19 -18.36
C CYS D 140 -6.06 18.27 -19.42
N THR D 141 -5.04 18.78 -20.12
CA THR D 141 -4.27 18.04 -21.12
C THR D 141 -3.08 17.31 -20.48
N ALA D 142 -2.62 16.26 -21.15
CA ALA D 142 -1.40 15.56 -20.69
C ALA D 142 -0.86 14.69 -21.81
N GLU D 143 0.39 14.91 -22.24
CA GLU D 143 0.94 14.14 -23.37
C GLU D 143 2.01 13.20 -22.87
N GLY D 144 1.99 11.97 -23.38
CA GLY D 144 2.99 10.97 -23.00
C GLY D 144 2.86 9.71 -23.82
N SER D 145 3.82 8.83 -23.67
CA SER D 145 3.76 7.52 -24.27
C SER D 145 4.09 6.47 -23.21
N PRO D 146 3.18 5.49 -22.99
CA PRO D 146 1.90 5.37 -23.69
C PRO D 146 0.96 6.49 -23.28
N ALA D 147 -0.17 6.57 -23.96
CA ALA D 147 -1.18 7.58 -23.68
C ALA D 147 -1.58 7.58 -22.20
N PRO D 148 -1.48 8.74 -21.50
CA PRO D 148 -1.92 8.80 -20.10
C PRO D 148 -3.43 8.73 -19.96
N SER D 149 -3.93 8.50 -18.75
CA SER D 149 -5.36 8.48 -18.49
C SER D 149 -5.73 9.62 -17.55
N VAL D 150 -6.47 10.61 -18.07
CA VAL D 150 -6.86 11.79 -17.30
C VAL D 150 -8.27 11.70 -16.77
N THR D 151 -8.41 11.79 -15.46
CA THR D 151 -9.71 11.78 -14.84
C THR D 151 -9.85 12.96 -13.88
N TRP D 152 -11.06 13.13 -13.37
CA TRP D 152 -11.39 14.17 -12.42
C TRP D 152 -11.83 13.57 -11.11
N ASP D 153 -11.34 14.11 -10.00
CA ASP D 153 -11.90 13.79 -8.71
C ASP D 153 -12.33 15.07 -8.00
N THR D 154 -13.61 15.13 -7.61
CA THR D 154 -14.19 16.39 -7.16
C THR D 154 -15.50 16.22 -6.42
N GLU D 155 -15.94 17.31 -5.78
CA GLU D 155 -17.19 17.36 -4.99
C GLU D 155 -18.33 18.03 -5.75
N VAL D 156 -17.98 18.81 -6.76
CA VAL D 156 -18.97 19.54 -7.54
C VAL D 156 -19.65 18.57 -8.46
N LYS D 157 -20.81 18.97 -8.94
CA LYS D 157 -21.63 18.17 -9.84
C LYS D 157 -21.50 18.68 -11.28
N GLY D 158 -21.07 17.78 -12.17
CA GLY D 158 -20.62 18.12 -13.55
C GLY D 158 -20.38 16.90 -14.46
N THR D 159 -20.17 17.16 -15.76
CA THR D 159 -19.89 16.10 -16.74
C THR D 159 -18.59 16.30 -17.48
N THR D 160 -18.07 15.24 -18.11
CA THR D 160 -16.79 15.32 -18.81
C THR D 160 -16.94 15.04 -20.30
N SER D 161 -16.04 15.63 -21.09
CA SER D 161 -15.77 15.24 -22.48
C SER D 161 -14.27 15.08 -22.47
N SER D 162 -13.73 14.17 -23.27
CA SER D 162 -12.27 14.06 -23.41
C SER D 162 -11.93 13.45 -24.74
N ARG D 163 -10.81 13.86 -25.31
CA ARG D 163 -10.40 13.32 -26.63
C ARG D 163 -8.91 13.16 -26.79
N SER D 164 -8.48 11.97 -27.22
CA SER D 164 -7.08 11.65 -27.36
C SER D 164 -6.60 11.69 -28.82
N PHE D 165 -5.37 12.20 -28.97
CA PHE D 165 -4.74 12.42 -30.25
C PHE D 165 -3.40 11.73 -30.30
N LYS D 166 -3.21 10.90 -31.31
CA LYS D 166 -1.98 10.12 -31.46
C LYS D 166 -1.00 10.94 -32.25
N HIS D 167 0.09 11.30 -31.60
CA HIS D 167 1.17 12.02 -32.26
C HIS D 167 2.24 11.06 -32.73
N SER D 168 3.33 11.62 -33.25
CA SER D 168 4.35 10.80 -33.84
C SER D 168 4.79 9.64 -32.95
N ARG D 169 5.32 9.96 -31.76
CA ARG D 169 5.94 8.97 -30.87
C ARG D 169 5.23 8.87 -29.50
N SER D 170 4.04 9.45 -29.41
CA SER D 170 3.34 9.56 -28.16
C SER D 170 1.87 9.75 -28.42
N ALA D 171 1.10 9.90 -27.34
CA ALA D 171 -0.27 10.34 -27.46
C ALA D 171 -0.40 11.54 -26.57
N ALA D 172 -1.54 12.23 -26.68
CA ALA D 172 -1.85 13.27 -25.71
C ALA D 172 -3.31 13.40 -25.42
N VAL D 173 -3.70 13.06 -24.21
CA VAL D 173 -5.10 12.97 -23.91
C VAL D 173 -5.45 14.23 -23.15
N THR D 174 -6.66 14.70 -23.37
CA THR D 174 -7.09 16.01 -22.85
C THR D 174 -8.57 15.97 -22.50
N SER D 175 -8.93 16.43 -21.31
CA SER D 175 -10.27 16.26 -20.76
C SER D 175 -10.87 17.57 -20.24
N GLU D 176 -12.19 17.61 -20.17
CA GLU D 176 -12.90 18.79 -19.78
C GLU D 176 -13.90 18.45 -18.71
N PHE D 177 -14.02 19.35 -17.75
CA PHE D 177 -15.13 19.32 -16.78
C PHE D 177 -16.16 20.40 -17.08
N HIS D 178 -17.42 20.00 -17.22
CA HIS D 178 -18.52 20.93 -17.45
C HIS D 178 -19.50 20.91 -16.33
N LEU D 179 -20.07 22.07 -16.05
CA LEU D 179 -21.01 22.20 -14.93
C LEU D 179 -21.81 23.50 -14.94
N VAL D 180 -23.00 23.44 -14.34
CA VAL D 180 -23.82 24.64 -14.12
C VAL D 180 -23.37 25.37 -12.81
N PRO D 181 -22.91 26.62 -12.95
CA PRO D 181 -22.36 27.35 -11.83
C PRO D 181 -23.37 27.55 -10.68
N SER D 182 -22.85 27.49 -9.46
CA SER D 182 -23.61 27.61 -8.23
C SER D 182 -22.70 28.36 -7.27
N ARG D 183 -23.20 29.32 -6.49
CA ARG D 183 -22.31 29.99 -5.52
C ARG D 183 -21.83 28.94 -4.52
N SER D 184 -22.64 27.90 -4.33
CA SER D 184 -22.28 26.75 -3.42
C SER D 184 -20.90 26.16 -3.71
N MET D 185 -20.50 26.26 -4.97
CA MET D 185 -19.22 25.70 -5.42
C MET D 185 -18.05 26.66 -5.29
N ASN D 186 -18.16 27.68 -4.46
CA ASN D 186 -17.07 28.67 -4.30
C ASN D 186 -16.00 28.16 -3.32
N GLY D 187 -14.75 28.30 -3.73
CA GLY D 187 -13.65 27.83 -2.91
C GLY D 187 -13.69 26.31 -2.85
N GLN D 188 -14.48 25.69 -3.72
CA GLN D 188 -14.57 24.23 -3.78
C GLN D 188 -13.39 23.73 -4.60
N PRO D 189 -12.79 22.58 -4.21
CA PRO D 189 -11.74 22.01 -5.04
C PRO D 189 -12.29 21.39 -6.29
N LEU D 190 -11.62 21.67 -7.41
CA LEU D 190 -11.70 20.80 -8.57
C LEU D 190 -10.31 20.32 -8.98
N THR D 191 -10.10 19.01 -8.91
CA THR D 191 -8.77 18.44 -9.14
C THR D 191 -8.74 17.45 -10.30
N CYS D 192 -7.72 17.61 -11.14
CA CYS D 192 -7.48 16.74 -12.28
C CYS D 192 -6.43 15.69 -11.94
N VAL D 193 -6.77 14.41 -12.05
CA VAL D 193 -5.87 13.31 -11.65
C VAL D 193 -5.40 12.48 -12.87
N VAL D 194 -4.17 12.74 -13.32
CA VAL D 194 -3.59 12.06 -14.50
C VAL D 194 -2.68 10.86 -14.10
N SER D 195 -2.85 9.74 -14.81
CA SER D 195 -2.16 8.49 -14.48
C SER D 195 -1.43 7.89 -15.65
N HIS D 196 -0.24 7.35 -15.38
CA HIS D 196 0.63 6.83 -16.40
C HIS D 196 1.37 5.63 -15.87
N PRO D 197 1.73 4.68 -16.76
CA PRO D 197 2.53 3.58 -16.25
C PRO D 197 4.01 3.86 -16.06
N GLY D 198 4.49 5.02 -16.53
CA GLY D 198 5.83 5.54 -16.21
C GLY D 198 5.87 6.67 -15.16
N LEU D 199 4.76 6.91 -14.50
CA LEU D 199 4.67 7.93 -13.48
C LEU D 199 4.59 7.18 -12.16
N LEU D 200 5.56 7.40 -11.26
CA LEU D 200 5.66 6.56 -10.06
C LEU D 200 4.35 6.68 -9.33
N GLN D 201 3.98 7.92 -9.11
CA GLN D 201 2.72 8.28 -8.49
C GLN D 201 1.86 9.11 -9.42
N ASP D 202 0.56 8.85 -9.35
CA ASP D 202 -0.42 9.61 -10.12
C ASP D 202 -0.33 11.10 -9.79
N GLN D 203 -0.20 11.91 -10.83
CA GLN D 203 -0.10 13.36 -10.64
C GLN D 203 -1.47 13.97 -10.45
N ARG D 204 -1.56 14.92 -9.51
CA ARG D 204 -2.85 15.53 -9.19
C ARG D 204 -2.68 17.05 -9.04
N ILE D 205 -3.32 17.79 -9.94
CA ILE D 205 -3.23 19.26 -9.98
C ILE D 205 -4.60 19.85 -9.65
N THR D 206 -4.66 20.71 -8.61
CA THR D 206 -5.94 21.24 -8.12
C THR D 206 -6.20 22.68 -8.54
N HIS D 207 -7.47 22.92 -8.86
CA HIS D 207 -7.97 24.23 -9.22
C HIS D 207 -9.01 24.64 -8.24
N ILE D 208 -8.83 25.81 -7.64
CA ILE D 208 -9.79 26.35 -6.67
C ILE D 208 -10.86 27.13 -7.43
N LEU D 209 -12.09 26.64 -7.38
CA LEU D 209 -13.20 27.26 -8.13
C LEU D 209 -13.71 28.57 -7.54
N HIS D 210 -14.00 29.53 -8.42
CA HIS D 210 -14.49 30.83 -8.01
C HIS D 210 -15.64 31.23 -8.88
N VAL D 211 -16.77 31.58 -8.24
CA VAL D 211 -18.04 31.84 -8.95
C VAL D 211 -18.73 33.08 -8.34
N SER D 212 -18.93 34.13 -9.15
CA SER D 212 -19.35 35.44 -8.63
C SER D 212 -20.88 35.58 -8.52
N HIS D 213 -21.35 36.76 -8.11
CA HIS D 213 -22.77 37.02 -7.81
C HIS D 213 -23.45 37.87 -8.85
N LEU E 3 -17.26 -1.87 -58.59
CA LEU E 3 -18.59 -2.30 -58.09
C LEU E 3 -19.45 -1.11 -57.62
N GLU E 4 -20.63 -1.49 -57.21
CA GLU E 4 -21.58 -0.58 -56.63
C GLU E 4 -20.93 -0.27 -55.31
N THR E 5 -20.28 0.89 -55.25
CA THR E 5 -19.49 1.31 -54.10
C THR E 5 -19.28 2.82 -54.16
N SER E 6 -19.21 3.48 -52.99
CA SER E 6 -18.83 4.92 -52.89
C SER E 6 -17.35 5.14 -53.19
N ASP E 7 -16.96 6.40 -53.43
CA ASP E 7 -15.54 6.71 -53.67
C ASP E 7 -14.84 7.15 -52.38
N VAL E 8 -15.53 7.99 -51.60
CA VAL E 8 -15.15 8.26 -50.22
C VAL E 8 -16.32 8.16 -49.23
N VAL E 9 -16.01 7.67 -48.03
CA VAL E 9 -16.90 7.81 -46.87
C VAL E 9 -16.30 8.77 -45.84
N THR E 10 -17.19 9.53 -45.19
CA THR E 10 -16.81 10.50 -44.18
C THR E 10 -17.66 10.28 -42.91
N VAL E 11 -17.00 9.89 -41.82
CA VAL E 11 -17.67 9.77 -40.52
C VAL E 11 -17.04 10.73 -39.54
N VAL E 12 -17.83 11.26 -38.62
CA VAL E 12 -17.29 12.03 -37.48
C VAL E 12 -17.00 11.08 -36.34
N LEU E 13 -15.97 11.38 -35.57
CA LEU E 13 -15.49 10.44 -34.55
C LEU E 13 -16.64 9.89 -33.74
N GLY E 14 -16.61 8.59 -33.47
CA GLY E 14 -17.64 7.95 -32.64
C GLY E 14 -18.95 7.60 -33.33
N GLN E 15 -19.11 8.01 -34.58
CA GLN E 15 -20.27 7.60 -35.39
C GLN E 15 -20.04 6.25 -36.09
N ASP E 16 -21.11 5.67 -36.63
CA ASP E 16 -21.02 4.41 -37.38
C ASP E 16 -20.78 4.67 -38.86
N ALA E 17 -19.88 3.89 -39.46
CA ALA E 17 -19.47 4.11 -40.84
C ALA E 17 -20.32 3.22 -41.72
N LYS E 18 -20.81 3.74 -42.84
CA LYS E 18 -21.53 2.93 -43.80
C LYS E 18 -20.54 2.52 -44.86
N LEU E 19 -20.28 1.21 -44.94
CA LEU E 19 -19.46 0.64 -45.99
C LEU E 19 -20.33 0.18 -47.15
N PRO E 20 -20.18 0.83 -48.31
CA PRO E 20 -20.91 0.49 -49.51
C PRO E 20 -20.19 -0.60 -50.33
N CYS E 21 -20.86 -1.75 -50.47
CA CYS E 21 -20.45 -2.79 -51.41
C CYS E 21 -21.69 -3.60 -51.79
N PHE E 22 -22.26 -3.39 -52.98
CA PHE E 22 -23.47 -4.13 -53.39
C PHE E 22 -23.36 -4.76 -54.77
N TYR E 23 -23.69 -6.04 -54.88
CA TYR E 23 -23.51 -6.75 -56.15
C TYR E 23 -24.78 -6.66 -56.98
N ARG E 24 -24.67 -6.04 -58.13
CA ARG E 24 -25.76 -6.06 -59.09
C ARG E 24 -25.82 -7.50 -59.64
N GLY E 25 -26.84 -8.27 -59.25
CA GLY E 25 -27.08 -9.58 -59.86
C GLY E 25 -27.53 -9.41 -61.28
N ASP E 26 -26.60 -9.56 -62.23
CA ASP E 26 -26.91 -9.44 -63.64
C ASP E 26 -27.70 -10.64 -64.20
N SER E 27 -27.32 -11.85 -63.80
CA SER E 27 -27.98 -13.09 -64.21
C SER E 27 -29.13 -13.55 -63.26
N GLY E 28 -28.83 -13.71 -61.98
CA GLY E 28 -29.79 -14.34 -61.02
C GLY E 28 -29.10 -15.18 -59.92
N GLU E 29 -27.86 -15.54 -60.22
CA GLU E 29 -26.94 -16.31 -59.33
C GLU E 29 -26.78 -15.67 -57.94
N GLN E 30 -26.49 -16.50 -56.94
CA GLN E 30 -26.42 -16.06 -55.55
C GLN E 30 -24.96 -16.11 -55.10
N VAL E 31 -24.50 -15.04 -54.44
CA VAL E 31 -23.06 -14.85 -54.16
C VAL E 31 -22.75 -15.37 -52.75
N GLY E 32 -21.63 -16.08 -52.65
CA GLY E 32 -21.29 -16.87 -51.48
C GLY E 32 -20.38 -16.17 -50.50
N GLN E 33 -19.20 -15.77 -50.96
CA GLN E 33 -18.16 -15.23 -50.07
C GLN E 33 -17.75 -13.75 -50.37
N VAL E 34 -17.95 -12.87 -49.40
CA VAL E 34 -17.67 -11.43 -49.54
C VAL E 34 -16.76 -10.94 -48.42
N ALA E 35 -15.57 -10.49 -48.78
CA ALA E 35 -14.58 -10.18 -47.77
C ALA E 35 -14.28 -8.70 -47.67
N TRP E 36 -13.85 -8.27 -46.49
CA TRP E 36 -13.39 -6.90 -46.26
C TRP E 36 -12.06 -6.79 -45.61
N ALA E 37 -11.24 -5.88 -46.11
CA ALA E 37 -9.92 -5.63 -45.55
C ALA E 37 -9.49 -4.24 -45.90
N ARG E 38 -8.36 -3.83 -45.33
CA ARG E 38 -7.67 -2.65 -45.82
C ARG E 38 -6.39 -2.88 -46.50
N VAL E 39 -5.75 -1.76 -46.84
CA VAL E 39 -4.43 -1.74 -47.43
C VAL E 39 -3.57 -0.68 -46.76
N ASP E 40 -2.27 -0.97 -46.69
CA ASP E 40 -1.32 -0.15 -45.94
C ASP E 40 0.12 -0.13 -46.50
N ALA E 41 0.80 1.00 -46.25
CA ALA E 41 2.21 1.25 -46.65
C ALA E 41 3.26 0.92 -45.55
N GLY E 42 4.31 0.17 -45.92
CA GLY E 42 5.34 -0.34 -44.93
C GLY E 42 4.94 -1.72 -44.44
N GLU E 43 3.68 -2.07 -44.73
CA GLU E 43 2.98 -3.25 -44.20
C GLU E 43 2.28 -4.19 -45.25
N GLY E 44 1.03 -3.85 -45.63
CA GLY E 44 0.14 -4.72 -46.40
C GLY E 44 -1.34 -4.55 -46.09
N ALA E 45 -2.13 -5.61 -46.33
CA ALA E 45 -3.56 -5.65 -46.02
C ALA E 45 -3.90 -6.37 -44.69
N GLN E 46 -4.96 -5.91 -44.04
CA GLN E 46 -5.36 -6.29 -42.68
C GLN E 46 -6.87 -6.48 -42.55
N GLU E 47 -7.30 -7.72 -42.44
CA GLU E 47 -8.69 -8.05 -42.71
C GLU E 47 -9.66 -7.69 -41.59
N LEU E 48 -10.87 -7.28 -41.98
CA LEU E 48 -11.95 -6.90 -41.07
C LEU E 48 -12.90 -8.04 -40.68
N ALA E 49 -13.70 -8.51 -41.64
CA ALA E 49 -14.78 -9.45 -41.36
C ALA E 49 -15.34 -10.05 -42.65
N LEU E 50 -16.45 -10.73 -42.58
CA LEU E 50 -16.80 -11.59 -43.73
C LEU E 50 -18.16 -12.21 -43.55
N LEU E 51 -18.96 -12.30 -44.62
CA LEU E 51 -20.33 -12.87 -44.51
C LEU E 51 -20.57 -13.89 -45.62
N HIS E 52 -20.91 -15.11 -45.20
CA HIS E 52 -21.07 -16.27 -46.09
C HIS E 52 -22.54 -16.52 -46.26
N SER E 53 -22.91 -17.05 -47.43
CA SER E 53 -24.30 -17.33 -47.83
C SER E 53 -25.04 -18.13 -46.76
N LYS E 54 -24.48 -19.30 -46.44
CA LYS E 54 -25.17 -20.28 -45.59
C LYS E 54 -24.68 -20.32 -44.13
N TYR E 55 -23.39 -20.60 -43.94
CA TYR E 55 -22.95 -21.14 -42.64
C TYR E 55 -22.68 -20.13 -41.53
N GLY E 56 -21.53 -19.48 -41.63
CA GLY E 56 -21.23 -18.44 -40.65
C GLY E 56 -20.07 -17.48 -40.78
N LEU E 57 -20.21 -16.33 -40.13
CA LEU E 57 -19.33 -15.17 -40.34
C LEU E 57 -18.20 -15.21 -39.36
N HIS E 58 -16.96 -15.04 -39.85
CA HIS E 58 -15.78 -15.01 -38.99
C HIS E 58 -15.23 -13.61 -38.99
N VAL E 59 -15.40 -12.92 -37.87
CA VAL E 59 -14.91 -11.58 -37.75
C VAL E 59 -13.45 -11.66 -37.33
N SER E 60 -12.65 -10.79 -37.90
CA SER E 60 -11.22 -10.83 -37.65
C SER E 60 -11.00 -10.68 -36.13
N PRO E 61 -9.77 -11.00 -35.67
CA PRO E 61 -9.43 -11.01 -34.25
C PRO E 61 -9.82 -9.70 -33.53
N ALA E 62 -9.61 -8.57 -34.22
CA ALA E 62 -9.84 -7.22 -33.69
C ALA E 62 -11.27 -6.70 -33.88
N TYR E 63 -12.02 -7.21 -34.86
CA TYR E 63 -13.34 -6.65 -35.23
C TYR E 63 -14.53 -7.34 -34.55
N GLU E 64 -14.29 -7.98 -33.40
CA GLU E 64 -15.35 -8.60 -32.58
C GLU E 64 -16.25 -7.46 -32.04
N GLY E 65 -17.50 -7.46 -32.49
CA GLY E 65 -18.43 -6.39 -32.10
C GLY E 65 -18.09 -5.01 -32.65
N ARG E 66 -17.02 -4.88 -33.42
CA ARG E 66 -16.67 -3.59 -34.03
C ARG E 66 -17.17 -3.59 -35.46
N VAL E 67 -17.84 -4.69 -35.82
CA VAL E 67 -18.42 -4.90 -37.15
C VAL E 67 -19.77 -5.59 -37.12
N GLU E 68 -20.72 -5.02 -37.85
CA GLU E 68 -22.09 -5.54 -37.86
C GLU E 68 -22.74 -5.36 -39.24
N GLN E 69 -23.61 -6.31 -39.63
CA GLN E 69 -24.31 -6.27 -40.89
C GLN E 69 -25.55 -5.37 -40.75
N PRO E 70 -26.01 -4.80 -41.87
CA PRO E 70 -27.17 -3.93 -41.85
C PRO E 70 -28.39 -4.68 -41.35
N PRO E 71 -29.22 -4.04 -40.51
CA PRO E 71 -30.41 -4.68 -39.99
C PRO E 71 -31.33 -5.15 -41.12
N PRO E 72 -31.89 -6.36 -40.99
CA PRO E 72 -32.68 -6.89 -42.07
C PRO E 72 -33.93 -6.07 -42.22
N PRO E 73 -34.64 -6.23 -43.35
CA PRO E 73 -34.25 -7.13 -44.43
C PRO E 73 -33.10 -6.56 -45.25
N ARG E 74 -32.16 -7.43 -45.60
CA ARG E 74 -30.99 -7.02 -46.38
C ARG E 74 -31.02 -7.87 -47.62
N ASN E 75 -30.98 -7.23 -48.78
CA ASN E 75 -30.93 -7.96 -50.03
C ASN E 75 -29.78 -8.98 -49.97
N PRO E 76 -30.01 -10.20 -50.49
CA PRO E 76 -29.01 -11.29 -50.47
C PRO E 76 -27.74 -10.96 -51.21
N LEU E 77 -27.86 -10.12 -52.22
CA LEU E 77 -26.73 -9.70 -53.00
C LEU E 77 -26.23 -8.40 -52.38
N ASP E 78 -25.79 -8.48 -51.13
CA ASP E 78 -25.19 -7.32 -50.47
C ASP E 78 -24.13 -7.76 -49.46
N GLY E 79 -22.98 -7.08 -49.49
CA GLY E 79 -21.90 -7.23 -48.49
C GLY E 79 -21.56 -5.98 -47.66
N SER E 80 -22.35 -4.92 -47.85
CA SER E 80 -22.19 -3.72 -47.07
C SER E 80 -22.15 -4.09 -45.60
N VAL E 81 -21.10 -3.64 -44.92
CA VAL E 81 -20.99 -3.80 -43.48
C VAL E 81 -21.07 -2.39 -42.85
N LEU E 82 -21.36 -2.36 -41.55
CA LEU E 82 -21.32 -1.14 -40.75
C LEU E 82 -20.23 -1.21 -39.69
N LEU E 83 -19.28 -0.27 -39.76
CA LEU E 83 -18.20 -0.21 -38.77
C LEU E 83 -18.69 0.65 -37.65
N ARG E 84 -18.78 0.06 -36.46
CA ARG E 84 -19.38 0.74 -35.31
C ARG E 84 -18.34 1.42 -34.38
N ASN E 85 -18.77 2.57 -33.87
CA ASN E 85 -17.94 3.47 -33.06
C ASN E 85 -16.59 3.80 -33.72
N ALA E 86 -16.65 4.49 -34.86
CA ALA E 86 -15.45 4.79 -35.67
C ALA E 86 -14.40 5.62 -34.92
N VAL E 87 -13.13 5.26 -35.11
CA VAL E 87 -11.98 5.91 -34.47
C VAL E 87 -10.86 6.20 -35.48
N GLN E 88 -9.88 7.01 -35.11
CA GLN E 88 -8.89 7.46 -36.10
C GLN E 88 -8.21 6.33 -36.84
N ALA E 89 -7.97 5.21 -36.16
CA ALA E 89 -7.31 4.04 -36.78
C ALA E 89 -8.10 3.43 -37.95
N ASP E 90 -9.33 3.90 -38.14
CA ASP E 90 -10.18 3.39 -39.18
C ASP E 90 -9.93 4.16 -40.46
N GLU E 91 -9.19 5.27 -40.38
CA GLU E 91 -8.93 6.08 -41.54
C GLU E 91 -8.09 5.26 -42.49
N GLY E 92 -8.26 5.51 -43.78
CA GLY E 92 -7.47 4.85 -44.79
C GLY E 92 -8.34 4.26 -45.86
N GLU E 93 -7.78 3.28 -46.58
CA GLU E 93 -8.49 2.66 -47.68
C GLU E 93 -8.96 1.31 -47.27
N TYR E 94 -9.99 0.85 -47.98
CA TYR E 94 -10.60 -0.43 -47.71
C TYR E 94 -10.97 -1.16 -48.99
N GLU E 95 -10.57 -2.41 -49.07
CA GLU E 95 -10.84 -3.24 -50.25
C GLU E 95 -12.06 -4.10 -49.95
N CYS E 96 -12.97 -4.16 -50.93
CA CYS E 96 -14.11 -5.07 -50.88
C CYS E 96 -13.99 -6.15 -51.96
N ARG E 97 -13.52 -7.32 -51.55
CA ARG E 97 -13.39 -8.49 -52.42
C ARG E 97 -14.72 -9.24 -52.40
N VAL E 98 -15.13 -9.72 -53.57
CA VAL E 98 -16.39 -10.48 -53.68
C VAL E 98 -16.32 -11.53 -54.78
N SER E 99 -16.72 -12.76 -54.46
CA SER E 99 -16.67 -13.87 -55.42
C SER E 99 -18.07 -14.37 -55.72
N THR E 100 -18.50 -14.18 -56.95
CA THR E 100 -19.85 -14.54 -57.35
C THR E 100 -19.74 -15.72 -58.31
N PHE E 101 -20.89 -16.31 -58.59
CA PHE E 101 -20.99 -17.48 -59.45
C PHE E 101 -22.20 -17.35 -60.35
N PRO E 102 -22.10 -17.82 -61.60
CA PRO E 102 -20.88 -18.33 -62.20
C PRO E 102 -19.98 -17.22 -62.82
N ALA E 103 -20.16 -15.95 -62.41
CA ALA E 103 -19.51 -14.77 -62.98
C ALA E 103 -18.14 -14.51 -62.34
N GLY E 104 -17.52 -13.39 -62.72
CA GLY E 104 -16.23 -12.97 -62.23
C GLY E 104 -16.05 -12.85 -60.73
N SER E 105 -14.88 -12.38 -60.31
CA SER E 105 -14.58 -12.17 -58.89
C SER E 105 -13.77 -10.86 -58.70
N PHE E 106 -14.25 -9.79 -59.32
CA PHE E 106 -13.59 -8.47 -59.23
C PHE E 106 -14.05 -7.76 -57.98
N GLN E 107 -13.32 -6.72 -57.63
CA GLN E 107 -13.44 -6.10 -56.33
C GLN E 107 -13.15 -4.59 -56.40
N ALA E 108 -13.78 -3.83 -55.52
CA ALA E 108 -13.71 -2.37 -55.48
C ALA E 108 -13.16 -1.83 -54.15
N ARG E 109 -12.58 -0.64 -54.23
CA ARG E 109 -11.98 0.02 -53.08
C ARG E 109 -12.76 1.26 -52.66
N LEU E 110 -12.56 1.68 -51.41
CA LEU E 110 -13.05 2.98 -50.91
C LEU E 110 -12.15 3.56 -49.84
N ARG E 111 -12.14 4.90 -49.75
CA ARG E 111 -11.33 5.59 -48.75
C ARG E 111 -12.20 6.20 -47.67
N LEU E 112 -11.91 5.85 -46.42
CA LEU E 112 -12.66 6.35 -45.28
C LEU E 112 -11.95 7.51 -44.62
N ARG E 113 -12.68 8.61 -44.42
CA ARG E 113 -12.14 9.77 -43.71
C ARG E 113 -12.90 9.92 -42.37
N VAL E 114 -12.14 9.83 -41.27
CA VAL E 114 -12.69 9.98 -39.91
C VAL E 114 -12.38 11.38 -39.46
N LEU E 115 -13.42 12.18 -39.30
CA LEU E 115 -13.26 13.55 -38.89
C LEU E 115 -13.22 13.58 -37.37
N VAL E 116 -12.21 14.25 -36.82
CA VAL E 116 -12.07 14.37 -35.37
C VAL E 116 -12.03 15.82 -34.94
N PRO E 117 -13.07 16.26 -34.24
CA PRO E 117 -13.22 17.64 -33.77
C PRO E 117 -12.24 18.02 -32.67
N PRO E 118 -11.91 19.32 -32.54
CA PRO E 118 -10.99 19.80 -31.55
C PRO E 118 -11.65 20.09 -30.19
N LEU E 119 -10.81 20.24 -29.15
CA LEU E 119 -11.22 20.75 -27.82
C LEU E 119 -10.41 22.03 -27.39
N PRO E 120 -10.67 23.20 -27.99
CA PRO E 120 -9.78 24.34 -27.85
C PRO E 120 -9.56 24.79 -26.43
N SER E 121 -8.41 25.44 -26.20
CA SER E 121 -8.10 26.15 -24.95
C SER E 121 -7.80 27.61 -25.22
N LEU E 122 -8.20 28.49 -24.31
CA LEU E 122 -7.79 29.90 -24.35
C LEU E 122 -6.82 30.18 -23.22
N ASN E 123 -5.74 30.87 -23.56
CA ASN E 123 -4.66 31.10 -22.59
C ASN E 123 -4.34 32.61 -22.56
N PRO E 124 -4.74 33.29 -21.46
CA PRO E 124 -4.65 34.75 -21.37
C PRO E 124 -3.22 35.25 -21.34
N GLY E 125 -2.95 36.33 -22.07
CA GLY E 125 -1.65 36.99 -22.04
C GLY E 125 -1.36 37.53 -20.64
N PRO E 126 -0.10 37.84 -20.32
CA PRO E 126 0.14 38.49 -19.02
C PRO E 126 -0.63 39.82 -18.89
N ALA E 127 -0.62 40.44 -17.70
CA ALA E 127 -1.38 41.68 -17.45
C ALA E 127 -0.98 42.82 -18.37
N LEU E 128 -1.97 43.40 -19.07
CA LEU E 128 -1.74 44.36 -20.16
C LEU E 128 -1.92 45.87 -19.78
N GLU E 129 -0.80 46.56 -19.55
CA GLU E 129 -0.87 47.97 -19.05
C GLU E 129 -1.23 49.02 -20.13
N GLU E 130 -2.02 50.04 -19.78
CA GLU E 130 -2.66 50.88 -20.81
C GLU E 130 -1.74 51.91 -21.48
N GLY E 131 -1.85 51.99 -22.80
CA GLY E 131 -1.15 53.01 -23.60
C GLY E 131 0.32 52.69 -23.78
N GLN E 132 0.61 51.42 -24.03
CA GLN E 132 1.99 50.87 -24.06
C GLN E 132 2.28 49.73 -25.05
N GLY E 133 2.98 50.02 -26.17
CA GLY E 133 3.41 49.01 -27.15
C GLY E 133 2.32 48.14 -27.76
N LEU E 134 2.69 46.90 -28.12
CA LEU E 134 1.86 45.88 -28.75
C LEU E 134 2.08 44.59 -27.96
N THR E 135 0.99 43.97 -27.51
CA THR E 135 1.03 42.85 -26.57
C THR E 135 -0.01 41.75 -26.82
N LEU E 136 0.23 40.61 -26.20
CA LEU E 136 -0.61 39.43 -26.34
C LEU E 136 -1.90 39.56 -25.54
N ALA E 137 -3.03 39.50 -26.22
CA ALA E 137 -4.31 39.45 -25.55
C ALA E 137 -4.55 38.00 -25.12
N ALA E 138 -4.44 37.08 -26.07
CA ALA E 138 -4.72 35.67 -25.90
C ALA E 138 -4.09 34.85 -27.01
N SER E 139 -3.81 33.57 -26.72
CA SER E 139 -3.55 32.60 -27.78
C SER E 139 -4.83 31.76 -27.83
N CYS E 140 -4.96 30.92 -28.84
CA CYS E 140 -6.02 29.94 -28.79
C CYS E 140 -5.64 28.69 -29.55
N THR E 141 -5.25 27.66 -28.80
CA THR E 141 -4.93 26.35 -29.42
C THR E 141 -6.12 25.52 -29.80
N ALA E 142 -6.04 24.83 -30.95
CA ALA E 142 -7.06 23.86 -31.32
C ALA E 142 -6.50 22.75 -32.20
N GLU E 143 -6.58 21.49 -31.74
CA GLU E 143 -6.07 20.36 -32.52
C GLU E 143 -7.18 19.42 -32.93
N GLY E 144 -7.14 18.99 -34.19
CA GLY E 144 -8.11 18.05 -34.79
C GLY E 144 -7.74 17.70 -36.23
N SER E 145 -8.51 16.81 -36.83
CA SER E 145 -8.34 16.46 -38.22
C SER E 145 -9.68 16.50 -38.94
N PRO E 146 -9.76 17.30 -40.02
CA PRO E 146 -8.73 18.15 -40.60
C PRO E 146 -8.46 19.30 -39.65
N ALA E 147 -7.40 20.06 -39.90
CA ALA E 147 -7.03 21.20 -39.06
C ALA E 147 -8.22 22.15 -38.90
N PRO E 148 -8.61 22.41 -37.65
CA PRO E 148 -9.69 23.37 -37.50
C PRO E 148 -9.28 24.74 -38.00
N SER E 149 -10.27 25.61 -38.05
CA SER E 149 -10.08 26.98 -38.47
C SER E 149 -10.33 27.89 -37.28
N VAL E 150 -9.28 28.54 -36.79
CA VAL E 150 -9.35 29.36 -35.56
C VAL E 150 -9.38 30.85 -35.88
N THR E 151 -10.48 31.52 -35.50
CA THR E 151 -10.67 32.94 -35.74
C THR E 151 -10.95 33.65 -34.42
N TRP E 152 -10.98 34.98 -34.47
CA TRP E 152 -11.36 35.81 -33.32
C TRP E 152 -12.62 36.58 -33.62
N ASP E 153 -13.52 36.65 -32.65
CA ASP E 153 -14.74 37.48 -32.79
C ASP E 153 -14.72 38.50 -31.69
N THR E 154 -14.63 39.78 -32.07
CA THR E 154 -14.41 40.86 -31.10
C THR E 154 -14.69 42.25 -31.68
N GLU E 155 -14.69 43.26 -30.81
CA GLU E 155 -14.91 44.67 -31.19
C GLU E 155 -13.71 45.58 -30.95
N VAL E 156 -12.60 45.01 -30.48
CA VAL E 156 -11.32 45.71 -30.27
C VAL E 156 -10.34 45.55 -31.44
N LYS E 157 -9.37 46.47 -31.52
CA LYS E 157 -8.50 46.63 -32.70
C LYS E 157 -7.12 45.97 -32.58
N GLY E 158 -6.74 45.18 -33.61
CA GLY E 158 -5.43 44.53 -33.67
C GLY E 158 -5.36 43.35 -34.62
N THR E 159 -4.14 42.83 -34.82
CA THR E 159 -3.87 41.83 -35.84
C THR E 159 -3.61 40.47 -35.19
N THR E 160 -3.62 39.44 -36.02
CA THR E 160 -3.52 38.06 -35.52
C THR E 160 -2.47 37.17 -36.16
N SER E 161 -1.38 36.92 -35.45
CA SER E 161 -0.40 35.93 -35.95
C SER E 161 -0.99 34.53 -35.80
N SER E 162 -0.64 33.58 -36.68
CA SER E 162 -1.24 32.24 -36.59
C SER E 162 -0.37 31.22 -37.30
N ARG E 163 -0.23 30.03 -36.71
CA ARG E 163 0.69 29.01 -37.19
C ARG E 163 0.09 27.65 -37.00
N SER E 164 -0.22 26.94 -38.08
CA SER E 164 -0.67 25.55 -37.94
C SER E 164 0.56 24.64 -37.98
N PHE E 165 0.47 23.62 -37.15
CA PHE E 165 1.46 22.56 -37.07
C PHE E 165 0.82 21.25 -37.37
N LYS E 166 1.42 20.51 -38.29
CA LYS E 166 0.95 19.20 -38.68
C LYS E 166 1.59 18.14 -37.79
N HIS E 167 0.74 17.46 -37.04
CA HIS E 167 1.13 16.27 -36.31
C HIS E 167 0.83 15.06 -37.15
N SER E 168 1.05 13.86 -36.60
CA SER E 168 1.03 12.64 -37.40
C SER E 168 -0.21 12.56 -38.26
N ARG E 169 -1.38 12.58 -37.62
CA ARG E 169 -2.62 12.39 -38.34
C ARG E 169 -3.64 13.50 -38.14
N SER E 170 -3.38 14.46 -37.25
CA SER E 170 -4.21 15.64 -37.08
C SER E 170 -3.27 16.85 -37.13
N ALA E 171 -3.88 18.03 -37.12
CA ALA E 171 -3.14 19.27 -37.19
C ALA E 171 -3.59 20.15 -36.04
N ALA E 172 -2.62 20.73 -35.33
CA ALA E 172 -2.84 21.64 -34.21
C ALA E 172 -2.53 23.03 -34.68
N VAL E 173 -3.56 23.83 -34.81
CA VAL E 173 -3.42 25.19 -35.27
C VAL E 173 -3.53 26.07 -34.05
N THR E 174 -2.72 27.12 -34.02
CA THR E 174 -2.77 28.09 -32.94
C THR E 174 -2.80 29.51 -33.55
N SER E 175 -3.52 30.41 -32.88
CA SER E 175 -3.66 31.80 -33.30
C SER E 175 -3.46 32.75 -32.12
N GLU E 176 -3.07 33.97 -32.43
CA GLU E 176 -2.77 34.95 -31.39
C GLU E 176 -3.32 36.31 -31.74
N PHE E 177 -4.04 36.90 -30.79
CA PHE E 177 -4.59 38.23 -30.95
C PHE E 177 -3.68 39.25 -30.30
N HIS E 178 -3.27 40.28 -31.04
CA HIS E 178 -2.35 41.29 -30.49
C HIS E 178 -2.97 42.66 -30.61
N LEU E 179 -2.91 43.45 -29.52
CA LEU E 179 -3.60 44.77 -29.43
C LEU E 179 -2.72 45.79 -28.71
N VAL E 180 -2.87 47.07 -29.08
CA VAL E 180 -2.27 48.18 -28.33
C VAL E 180 -3.18 48.56 -27.15
N PRO E 181 -2.72 48.29 -25.90
CA PRO E 181 -3.62 48.40 -24.76
C PRO E 181 -4.18 49.80 -24.51
N SER E 182 -5.43 49.82 -24.11
CA SER E 182 -6.19 51.02 -23.84
C SER E 182 -7.25 50.68 -22.79
N ARG E 183 -7.69 51.65 -21.99
CA ARG E 183 -8.91 51.50 -21.15
C ARG E 183 -10.17 51.66 -22.02
N SER E 184 -10.08 52.43 -23.08
CA SER E 184 -11.22 52.62 -23.99
C SER E 184 -11.85 51.30 -24.49
N MET E 185 -11.11 50.22 -24.31
CA MET E 185 -11.58 48.85 -24.58
C MET E 185 -11.72 47.98 -23.33
N ASN E 186 -11.80 48.64 -22.18
CA ASN E 186 -11.82 47.91 -20.91
C ASN E 186 -13.21 47.40 -20.56
N GLY E 187 -13.24 46.13 -20.15
CA GLY E 187 -14.48 45.38 -19.89
C GLY E 187 -15.12 44.79 -21.14
N GLN E 188 -14.37 44.78 -22.26
CA GLN E 188 -14.88 44.27 -23.55
C GLN E 188 -14.36 42.87 -23.85
N PRO E 189 -15.22 41.97 -24.38
CA PRO E 189 -14.83 40.57 -24.63
C PRO E 189 -14.01 40.32 -25.90
N LEU E 190 -12.95 39.52 -25.79
CA LEU E 190 -12.28 38.93 -26.94
C LEU E 190 -12.58 37.42 -26.92
N THR E 191 -13.31 36.95 -27.92
CA THR E 191 -13.66 35.53 -27.97
C THR E 191 -13.02 34.82 -29.16
N CYS E 192 -12.53 33.61 -28.89
CA CYS E 192 -11.87 32.77 -29.87
C CYS E 192 -12.84 31.77 -30.44
N VAL E 193 -13.06 31.83 -31.75
CA VAL E 193 -14.05 31.00 -32.41
C VAL E 193 -13.42 29.96 -33.34
N VAL E 194 -13.40 28.72 -32.87
CA VAL E 194 -12.84 27.59 -33.63
C VAL E 194 -13.92 26.75 -34.34
N SER E 195 -13.65 26.43 -35.59
CA SER E 195 -14.60 25.76 -36.46
C SER E 195 -14.03 24.52 -37.10
N HIS E 196 -14.86 23.50 -37.23
CA HIS E 196 -14.45 22.22 -37.74
C HIS E 196 -15.60 21.52 -38.45
N PRO E 197 -15.29 20.60 -39.38
CA PRO E 197 -16.29 19.81 -40.12
C PRO E 197 -17.06 18.84 -39.27
N GLY E 198 -16.38 18.34 -38.25
CA GLY E 198 -16.95 17.33 -37.39
C GLY E 198 -17.76 17.91 -36.24
N LEU E 199 -18.00 19.22 -36.30
CA LEU E 199 -18.64 19.93 -35.22
C LEU E 199 -19.77 20.74 -35.82
N LEU E 200 -20.99 20.35 -35.48
CA LEU E 200 -22.14 21.03 -36.04
C LEU E 200 -22.39 22.37 -35.45
N GLN E 201 -21.78 22.64 -34.30
CA GLN E 201 -21.78 23.98 -33.74
C GLN E 201 -20.34 24.46 -33.48
N ASP E 202 -19.98 25.57 -34.13
CA ASP E 202 -18.69 26.21 -33.89
C ASP E 202 -18.54 26.52 -32.42
N GLN E 203 -17.40 26.11 -31.86
CA GLN E 203 -17.10 26.30 -30.44
C GLN E 203 -16.31 27.54 -30.13
N ARG E 204 -16.83 28.38 -29.24
CA ARG E 204 -16.16 29.62 -28.86
C ARG E 204 -16.01 29.80 -27.35
N ILE E 205 -14.78 30.18 -27.00
CA ILE E 205 -14.36 30.45 -25.61
C ILE E 205 -13.96 31.92 -25.47
N THR E 206 -14.47 32.58 -24.43
CA THR E 206 -14.52 34.05 -24.38
C THR E 206 -13.76 34.73 -23.21
N HIS E 207 -12.86 35.62 -23.58
CA HIS E 207 -12.00 36.26 -22.62
C HIS E 207 -12.45 37.66 -22.42
N ILE E 208 -12.25 38.15 -21.22
CA ILE E 208 -12.66 39.48 -20.80
C ILE E 208 -11.42 40.27 -20.45
N LEU E 209 -11.36 41.51 -20.94
CA LEU E 209 -10.22 42.42 -20.82
C LEU E 209 -10.35 43.46 -19.67
N HIS E 210 -9.66 43.17 -18.55
CA HIS E 210 -9.40 44.17 -17.46
C HIS E 210 -7.92 44.49 -17.38
N THR F 5 -4.03 -29.42 -47.69
CA THR F 5 -3.17 -28.59 -48.59
C THR F 5 -1.69 -28.99 -48.48
N SER F 6 -0.98 -28.80 -49.58
CA SER F 6 0.24 -29.55 -49.87
C SER F 6 1.54 -28.96 -49.35
N ASP F 7 2.60 -29.71 -49.62
CA ASP F 7 3.95 -29.21 -49.46
C ASP F 7 4.69 -28.78 -50.75
N VAL F 8 5.31 -29.73 -51.44
CA VAL F 8 5.96 -29.46 -52.74
C VAL F 8 5.50 -30.50 -53.76
N VAL F 9 4.81 -30.05 -54.81
CA VAL F 9 4.24 -30.95 -55.80
C VAL F 9 5.17 -31.02 -56.99
N THR F 10 5.27 -32.22 -57.57
CA THR F 10 6.20 -32.48 -58.67
C THR F 10 5.49 -33.18 -59.80
N VAL F 11 5.41 -32.51 -60.95
CA VAL F 11 4.80 -33.04 -62.15
C VAL F 11 5.90 -33.18 -63.20
N VAL F 12 5.84 -34.19 -64.06
CA VAL F 12 6.71 -34.21 -65.25
C VAL F 12 6.01 -33.45 -66.36
N LEU F 13 6.77 -32.75 -67.21
CA LEU F 13 6.20 -31.92 -68.25
C LEU F 13 5.14 -32.67 -69.03
N GLY F 14 4.02 -32.00 -69.30
CA GLY F 14 3.00 -32.58 -70.16
C GLY F 14 2.11 -33.63 -69.53
N GLN F 15 2.36 -33.96 -68.26
CA GLN F 15 1.46 -34.79 -67.48
C GLN F 15 0.40 -33.90 -66.85
N ASP F 16 -0.52 -34.57 -66.19
CA ASP F 16 -1.51 -33.89 -65.33
C ASP F 16 -0.92 -33.71 -63.94
N ALA F 17 -1.59 -32.82 -63.22
CA ALA F 17 -1.14 -32.32 -61.90
C ALA F 17 -2.24 -32.14 -60.82
N LYS F 18 -1.82 -32.17 -59.57
CA LYS F 18 -2.77 -31.87 -58.51
C LYS F 18 -2.16 -31.09 -57.37
N LEU F 19 -2.49 -29.80 -57.32
CA LEU F 19 -2.24 -28.99 -56.13
C LEU F 19 -3.47 -29.03 -55.24
N PRO F 20 -3.38 -29.71 -54.09
CA PRO F 20 -4.50 -29.93 -53.19
C PRO F 20 -4.69 -28.93 -52.08
N CYS F 21 -5.92 -28.87 -51.61
CA CYS F 21 -6.35 -27.95 -50.57
C CYS F 21 -7.39 -28.67 -49.75
N PHE F 22 -7.04 -29.12 -48.55
CA PHE F 22 -7.98 -29.89 -47.72
C PHE F 22 -8.73 -29.01 -46.68
N GLN F 33 -16.74 -20.39 -50.07
CA GLN F 33 -16.22 -20.40 -51.42
C GLN F 33 -14.70 -20.51 -51.37
N VAL F 34 -14.14 -21.42 -52.19
CA VAL F 34 -12.73 -21.80 -52.14
C VAL F 34 -11.97 -21.38 -53.38
N ALA F 35 -10.86 -20.65 -53.21
CA ALA F 35 -10.11 -20.10 -54.34
C ALA F 35 -8.63 -20.49 -54.41
N TRP F 36 -8.10 -20.39 -55.62
CA TRP F 36 -6.67 -20.60 -55.93
C TRP F 36 -6.02 -19.51 -56.73
N ALA F 37 -4.80 -19.13 -56.34
CA ALA F 37 -4.02 -18.17 -57.11
C ALA F 37 -2.56 -18.47 -56.94
N ARG F 38 -1.71 -18.06 -57.88
CA ARG F 38 -0.26 -18.09 -57.66
C ARG F 38 0.29 -16.69 -57.35
N VAL F 39 1.34 -16.67 -56.52
CA VAL F 39 1.83 -15.40 -55.91
C VAL F 39 3.27 -14.93 -56.23
N ASP F 40 3.43 -13.61 -56.27
CA ASP F 40 4.68 -12.96 -56.68
C ASP F 40 4.96 -11.60 -56.00
N ALA F 41 6.24 -11.31 -55.82
CA ALA F 41 6.67 -10.07 -55.14
C ALA F 41 6.55 -8.84 -56.04
N GLY F 42 7.04 -8.98 -57.27
CA GLY F 42 7.11 -7.89 -58.23
C GLY F 42 5.95 -7.84 -59.23
N GLU F 43 5.41 -9.00 -59.62
CA GLU F 43 4.16 -9.10 -60.43
C GLU F 43 2.96 -9.22 -59.50
N GLY F 44 1.94 -8.39 -59.74
CA GLY F 44 0.81 -8.18 -58.83
C GLY F 44 0.08 -9.40 -58.21
N ALA F 45 -0.72 -10.05 -59.05
CA ALA F 45 -1.52 -11.20 -58.63
C ALA F 45 -1.87 -12.04 -59.85
N GLN F 46 -2.06 -13.34 -59.61
CA GLN F 46 -2.49 -14.29 -60.69
C GLN F 46 -3.48 -15.33 -60.15
N GLU F 47 -4.76 -15.19 -60.50
CA GLU F 47 -5.89 -16.03 -59.94
C GLU F 47 -6.40 -17.15 -60.87
N LEU F 48 -6.32 -18.39 -60.41
CA LEU F 48 -6.55 -19.52 -61.29
C LEU F 48 -8.03 -19.81 -61.49
N ALA F 49 -8.72 -20.24 -60.43
CA ALA F 49 -10.12 -20.61 -60.57
C ALA F 49 -10.82 -20.69 -59.23
N LEU F 50 -12.16 -20.76 -59.31
CA LEU F 50 -13.03 -20.74 -58.15
C LEU F 50 -13.82 -22.04 -58.09
N LEU F 51 -13.52 -22.85 -57.08
CA LEU F 51 -14.22 -24.13 -56.87
C LEU F 51 -14.29 -24.56 -55.39
N HIS F 58 -16.01 -20.84 -60.80
CA HIS F 58 -15.76 -20.18 -62.06
C HIS F 58 -14.31 -19.97 -62.29
N VAL F 59 -13.86 -20.38 -63.46
CA VAL F 59 -12.47 -20.24 -63.86
C VAL F 59 -12.25 -19.04 -64.79
N SER F 60 -11.16 -18.33 -64.54
CA SER F 60 -10.77 -17.13 -65.31
C SER F 60 -10.25 -17.45 -66.71
N PRO F 61 -10.33 -16.50 -67.68
CA PRO F 61 -9.94 -16.74 -69.08
C PRO F 61 -8.48 -17.12 -69.23
N ALA F 62 -7.63 -16.78 -68.25
CA ALA F 62 -6.21 -17.16 -68.30
C ALA F 62 -6.05 -18.68 -68.14
N TYR F 63 -6.77 -19.26 -67.17
CA TYR F 63 -6.78 -20.72 -66.92
C TYR F 63 -8.00 -21.40 -67.56
N GLU F 64 -8.45 -20.85 -68.68
CA GLU F 64 -9.57 -21.41 -69.43
C GLU F 64 -9.16 -22.78 -69.97
N GLY F 65 -9.73 -23.85 -69.41
CA GLY F 65 -9.44 -25.22 -69.83
C GLY F 65 -8.18 -25.83 -69.26
N ARG F 66 -7.67 -25.23 -68.18
CA ARG F 66 -6.51 -25.73 -67.46
C ARG F 66 -6.89 -26.22 -66.05
N VAL F 67 -7.97 -25.65 -65.51
CA VAL F 67 -8.37 -25.91 -64.13
C VAL F 67 -9.36 -27.05 -64.13
N GLU F 68 -9.21 -27.94 -63.14
CA GLU F 68 -10.01 -29.15 -63.02
C GLU F 68 -10.39 -29.47 -61.58
N GLN F 69 -11.41 -30.30 -61.43
CA GLN F 69 -11.81 -30.82 -60.11
C GLN F 69 -12.60 -32.11 -60.38
N PRO F 70 -11.93 -33.27 -60.36
CA PRO F 70 -12.56 -34.51 -60.82
C PRO F 70 -13.77 -34.94 -59.99
N PRO F 71 -14.84 -35.39 -60.66
CA PRO F 71 -16.04 -35.75 -59.92
C PRO F 71 -15.76 -36.78 -58.83
N PRO F 72 -16.52 -36.74 -57.73
CA PRO F 72 -16.29 -37.72 -56.66
C PRO F 72 -16.47 -39.22 -57.00
N PRO F 73 -16.30 -40.10 -56.00
CA PRO F 73 -16.05 -39.83 -54.59
C PRO F 73 -14.68 -39.18 -54.31
N ARG F 74 -14.73 -38.06 -53.59
CA ARG F 74 -13.54 -37.31 -53.18
C ARG F 74 -13.61 -37.00 -51.67
N ASN F 75 -12.54 -36.40 -51.16
CA ASN F 75 -12.43 -36.13 -49.73
C ASN F 75 -13.55 -35.24 -49.19
N PRO F 76 -14.14 -35.60 -48.03
CA PRO F 76 -15.28 -34.92 -47.43
C PRO F 76 -14.97 -33.51 -46.89
N LEU F 77 -13.77 -33.28 -46.36
CA LEU F 77 -13.41 -31.96 -45.82
C LEU F 77 -13.19 -30.97 -46.96
N ASP F 78 -12.47 -31.42 -47.96
CA ASP F 78 -12.17 -30.52 -49.03
C ASP F 78 -11.56 -31.20 -50.22
N GLY F 79 -11.74 -30.58 -51.38
CA GLY F 79 -11.21 -31.08 -52.64
C GLY F 79 -9.96 -30.44 -53.26
N SER F 80 -8.92 -31.26 -53.44
CA SER F 80 -7.74 -30.91 -54.26
C SER F 80 -8.20 -30.39 -55.64
N VAL F 81 -7.45 -29.45 -56.19
CA VAL F 81 -7.67 -28.98 -57.57
C VAL F 81 -6.77 -29.72 -58.55
N LEU F 82 -7.24 -30.01 -59.76
CA LEU F 82 -6.39 -30.68 -60.75
C LEU F 82 -5.86 -29.74 -61.84
N LEU F 83 -4.61 -29.96 -62.25
CA LEU F 83 -3.93 -29.21 -63.34
C LEU F 83 -3.66 -30.07 -64.61
N ARG F 84 -3.96 -29.49 -65.77
CA ARG F 84 -4.01 -30.22 -67.06
C ARG F 84 -2.86 -29.87 -68.00
N ASN F 85 -2.03 -30.87 -68.29
CA ASN F 85 -0.81 -30.70 -69.09
C ASN F 85 0.06 -29.55 -68.60
N ALA F 86 0.65 -29.75 -67.43
CA ALA F 86 1.59 -28.80 -66.83
C ALA F 86 2.75 -28.50 -67.75
N VAL F 87 3.13 -27.23 -67.80
CA VAL F 87 4.22 -26.76 -68.65
C VAL F 87 5.20 -25.93 -67.82
N GLN F 88 6.42 -25.71 -68.30
CA GLN F 88 7.44 -25.09 -67.46
C GLN F 88 6.99 -23.76 -66.81
N ALA F 89 6.22 -22.97 -67.56
CA ALA F 89 5.70 -21.69 -67.09
C ALA F 89 4.72 -21.79 -65.93
N ASP F 90 4.46 -23.02 -65.43
CA ASP F 90 3.61 -23.24 -64.26
C ASP F 90 4.45 -23.42 -63.01
N GLU F 91 5.77 -23.53 -63.18
CA GLU F 91 6.66 -23.67 -62.03
C GLU F 91 6.49 -22.46 -61.14
N GLY F 92 6.55 -22.66 -59.83
CA GLY F 92 6.38 -21.55 -58.89
C GLY F 92 5.59 -21.90 -57.64
N GLU F 93 5.16 -20.86 -56.93
CA GLU F 93 4.44 -21.00 -55.66
C GLU F 93 2.98 -20.62 -55.81
N TYR F 94 2.16 -21.18 -54.94
CA TYR F 94 0.72 -21.08 -55.07
C TYR F 94 0.00 -20.91 -53.73
N GLU F 95 -0.96 -19.97 -53.67
CA GLU F 95 -1.75 -19.72 -52.47
C GLU F 95 -3.15 -20.38 -52.60
N CYS F 96 -3.54 -21.13 -51.57
CA CYS F 96 -4.92 -21.62 -51.44
C CYS F 96 -5.51 -21.05 -50.17
N ARG F 97 -6.69 -20.45 -50.25
CA ARG F 97 -7.27 -19.82 -49.06
C ARG F 97 -8.79 -19.90 -48.91
N VAL F 98 -9.25 -20.52 -47.82
CA VAL F 98 -10.61 -20.28 -47.34
C VAL F 98 -10.68 -20.18 -45.83
N SER F 99 -11.34 -19.14 -45.35
CA SER F 99 -11.78 -19.11 -43.98
C SER F 99 -13.26 -18.75 -44.05
N THR F 100 -14.08 -19.80 -44.08
CA THR F 100 -15.53 -19.58 -44.25
C THR F 100 -16.20 -19.18 -42.92
N GLN F 107 -5.11 -19.29 -46.72
CA GLN F 107 -3.77 -19.21 -46.10
C GLN F 107 -3.15 -20.60 -46.09
N ALA F 108 -2.76 -21.01 -47.29
CA ALA F 108 -2.00 -22.25 -47.46
C ALA F 108 -1.09 -22.18 -48.69
N ARG F 109 0.21 -22.38 -48.51
CA ARG F 109 1.19 -22.23 -49.61
C ARG F 109 1.82 -23.58 -50.03
N LEU F 110 2.11 -23.71 -51.32
CA LEU F 110 2.86 -24.86 -51.84
C LEU F 110 3.67 -24.48 -53.09
N ARG F 111 4.77 -25.19 -53.32
CA ARG F 111 5.65 -24.93 -54.48
C ARG F 111 5.50 -26.05 -55.51
N LEU F 112 5.16 -25.68 -56.74
CA LEU F 112 4.99 -26.64 -57.83
C LEU F 112 6.25 -26.74 -58.67
N ARG F 113 6.71 -27.98 -58.85
CA ARG F 113 7.93 -28.25 -59.61
C ARG F 113 7.62 -29.06 -60.85
N VAL F 114 7.91 -28.49 -62.03
CA VAL F 114 7.70 -29.18 -63.31
C VAL F 114 9.02 -29.72 -63.80
N LEU F 115 9.14 -31.05 -63.82
CA LEU F 115 10.36 -31.73 -64.25
C LEU F 115 10.32 -31.84 -65.75
N VAL F 116 11.41 -31.47 -66.41
CA VAL F 116 11.50 -31.74 -67.85
C VAL F 116 12.54 -32.83 -68.21
N PRO F 117 12.09 -33.86 -68.99
CA PRO F 117 12.97 -34.88 -69.55
C PRO F 117 13.98 -34.28 -70.52
N PRO F 118 15.15 -34.91 -70.66
CA PRO F 118 16.18 -34.45 -71.59
C PRO F 118 16.06 -35.09 -72.97
N LEU F 119 16.71 -34.49 -73.97
CA LEU F 119 16.86 -35.05 -75.34
C LEU F 119 18.35 -35.05 -75.77
N PRO F 120 19.18 -35.87 -75.11
CA PRO F 120 20.62 -35.95 -75.35
C PRO F 120 20.98 -36.14 -76.82
N SER F 121 22.07 -35.52 -77.24
CA SER F 121 22.59 -35.65 -78.57
C SER F 121 23.78 -36.60 -78.47
N LEU F 122 24.11 -37.22 -79.59
CA LEU F 122 25.31 -38.04 -79.70
C LEU F 122 26.21 -37.48 -80.80
N ASN F 123 27.42 -37.05 -80.41
CA ASN F 123 28.35 -36.39 -81.31
C ASN F 123 29.71 -37.05 -81.25
N PRO F 124 30.06 -37.81 -82.31
CA PRO F 124 31.36 -38.46 -82.34
C PRO F 124 32.53 -37.46 -82.37
N GLY F 125 33.59 -37.81 -81.66
CA GLY F 125 34.81 -37.03 -81.65
C GLY F 125 35.58 -37.16 -82.96
N PRO F 126 36.78 -36.55 -83.02
CA PRO F 126 37.64 -36.76 -84.19
C PRO F 126 38.06 -38.23 -84.39
N ALA F 127 38.00 -38.72 -85.63
CA ALA F 127 38.48 -40.06 -85.97
C ALA F 127 39.93 -40.26 -85.49
N LEU F 128 40.15 -41.29 -84.67
CA LEU F 128 41.44 -41.56 -83.98
C LEU F 128 42.10 -42.78 -84.56
N GLU F 129 43.41 -42.68 -84.74
CA GLU F 129 44.19 -43.71 -85.44
C GLU F 129 44.97 -44.47 -84.39
N GLU F 130 45.56 -45.58 -84.79
CA GLU F 130 46.41 -46.37 -83.86
C GLU F 130 47.65 -45.60 -83.39
N GLY F 131 48.15 -44.69 -84.23
CA GLY F 131 49.38 -43.95 -83.98
C GLY F 131 49.27 -42.84 -82.93
N GLN F 132 48.17 -42.09 -82.99
CA GLN F 132 47.98 -40.97 -82.07
C GLN F 132 47.70 -41.47 -80.68
N GLY F 133 47.88 -40.59 -79.68
CA GLY F 133 47.50 -40.90 -78.30
C GLY F 133 46.03 -40.75 -78.00
N LEU F 134 45.68 -40.50 -76.74
CA LEU F 134 44.25 -40.45 -76.38
C LEU F 134 43.60 -39.20 -76.95
N THR F 135 42.43 -39.42 -77.56
CA THR F 135 41.61 -38.35 -78.09
C THR F 135 40.12 -38.60 -77.76
N LEU F 136 39.31 -37.63 -78.16
CA LEU F 136 37.86 -37.69 -77.99
C LEU F 136 37.26 -38.72 -78.95
N ALA F 137 36.53 -39.70 -78.38
CA ALA F 137 35.83 -40.73 -79.16
C ALA F 137 34.38 -40.36 -79.47
N ALA F 138 33.66 -39.86 -78.46
CA ALA F 138 32.23 -39.47 -78.55
C ALA F 138 31.87 -38.49 -77.44
N SER F 139 30.89 -37.62 -77.68
CA SER F 139 30.44 -36.64 -76.69
C SER F 139 28.93 -36.78 -76.56
N CYS F 140 28.43 -37.03 -75.34
CA CYS F 140 26.99 -37.10 -75.06
C CYS F 140 26.52 -35.76 -74.52
N THR F 141 25.27 -35.44 -74.77
CA THR F 141 24.71 -34.14 -74.28
C THR F 141 23.21 -34.14 -74.07
N ALA F 142 22.77 -33.66 -72.91
CA ALA F 142 21.36 -33.65 -72.54
C ALA F 142 20.99 -32.47 -71.59
N GLU F 143 19.97 -31.71 -71.96
CA GLU F 143 19.52 -30.57 -71.17
C GLU F 143 18.16 -30.89 -70.59
N GLY F 144 17.99 -30.59 -69.32
CA GLY F 144 16.73 -30.81 -68.63
C GLY F 144 16.78 -30.09 -67.32
N SER F 145 15.65 -30.06 -66.63
CA SER F 145 15.62 -29.52 -65.30
C SER F 145 14.80 -30.39 -64.40
N PRO F 146 15.40 -30.80 -63.27
CA PRO F 146 16.77 -30.46 -62.85
C PRO F 146 17.83 -31.06 -63.76
N ALA F 147 19.08 -30.66 -63.56
CA ALA F 147 20.21 -31.12 -64.40
C ALA F 147 20.29 -32.65 -64.44
N PRO F 148 20.33 -33.25 -65.66
CA PRO F 148 20.50 -34.71 -65.76
C PRO F 148 21.94 -35.20 -65.50
N SER F 149 22.11 -36.45 -65.10
CA SER F 149 23.45 -37.00 -64.89
C SER F 149 23.71 -38.04 -65.97
N VAL F 150 24.66 -37.75 -66.86
CA VAL F 150 24.92 -38.62 -68.00
C VAL F 150 26.02 -39.60 -67.63
N THR F 151 25.65 -40.87 -67.50
CA THR F 151 26.62 -41.88 -67.05
C THR F 151 27.35 -42.47 -68.26
N TRP F 152 28.57 -43.01 -68.04
CA TRP F 152 29.29 -43.77 -69.07
C TRP F 152 29.39 -45.21 -68.66
N ASP F 153 29.23 -46.13 -69.60
CA ASP F 153 29.54 -47.53 -69.31
C ASP F 153 30.07 -48.26 -70.52
N THR F 154 31.33 -48.69 -70.48
CA THR F 154 31.91 -49.48 -71.59
C THR F 154 33.26 -50.11 -71.20
N GLU F 155 33.78 -50.94 -72.09
CA GLU F 155 35.02 -51.74 -71.82
C GLU F 155 36.35 -51.19 -72.35
N VAL F 156 36.42 -49.88 -72.66
CA VAL F 156 37.61 -49.22 -73.23
C VAL F 156 38.45 -48.36 -72.23
N LYS F 157 39.71 -48.13 -72.59
CA LYS F 157 40.70 -47.58 -71.66
C LYS F 157 40.68 -46.06 -71.56
N GLY F 158 39.81 -45.59 -70.70
CA GLY F 158 39.80 -44.19 -70.29
C GLY F 158 38.47 -43.75 -69.71
N THR F 159 38.47 -42.57 -69.13
CA THR F 159 37.34 -42.08 -68.35
C THR F 159 36.80 -40.81 -69.03
N THR F 160 35.96 -40.10 -68.27
CA THR F 160 35.18 -38.99 -68.80
C THR F 160 35.35 -37.72 -67.98
N SER F 161 34.94 -36.63 -68.64
CA SER F 161 35.07 -35.27 -68.15
C SER F 161 33.68 -34.67 -67.83
N SER F 162 33.18 -35.03 -66.64
CA SER F 162 31.95 -34.41 -66.04
C SER F 162 31.86 -32.89 -66.22
N ARG F 163 30.85 -32.39 -66.94
CA ARG F 163 30.63 -30.93 -67.12
C ARG F 163 29.14 -30.53 -67.01
N SER F 164 28.93 -29.21 -67.01
CA SER F 164 27.61 -28.60 -66.79
C SER F 164 27.49 -27.09 -66.75
N PHE F 165 26.45 -26.57 -67.40
CA PHE F 165 26.04 -25.17 -67.32
C PHE F 165 24.59 -25.05 -66.88
N LYS F 166 24.38 -24.27 -65.82
CA LYS F 166 23.03 -23.96 -65.39
C LYS F 166 22.53 -22.80 -66.20
N HIS F 167 21.40 -23.01 -66.85
CA HIS F 167 20.68 -21.95 -67.53
C HIS F 167 19.49 -21.46 -66.73
N SER F 168 18.72 -20.55 -67.32
CA SER F 168 17.64 -19.86 -66.65
C SER F 168 16.60 -20.81 -66.03
N ARG F 169 16.14 -21.80 -66.78
CA ARG F 169 15.05 -22.67 -66.37
C ARG F 169 15.42 -24.15 -66.32
N SER F 170 16.69 -24.45 -66.56
CA SER F 170 17.17 -25.81 -66.77
C SER F 170 18.67 -25.90 -66.57
N ALA F 171 19.25 -27.07 -66.77
CA ALA F 171 20.72 -27.19 -66.81
C ALA F 171 21.16 -28.17 -67.90
N ALA F 172 22.14 -27.76 -68.71
CA ALA F 172 22.68 -28.59 -69.80
C ALA F 172 24.02 -29.13 -69.39
N VAL F 173 24.18 -30.44 -69.56
CA VAL F 173 25.45 -31.09 -69.28
C VAL F 173 26.02 -31.72 -70.55
N THR F 174 27.34 -31.62 -70.72
CA THR F 174 28.05 -32.34 -71.79
C THR F 174 29.13 -33.23 -71.11
N SER F 175 29.36 -34.43 -71.65
CA SER F 175 30.27 -35.42 -71.04
C SER F 175 31.20 -36.13 -72.02
N GLU F 176 32.47 -36.34 -71.63
CA GLU F 176 33.48 -36.79 -72.59
C GLU F 176 34.04 -38.13 -72.25
N PHE F 177 34.39 -38.86 -73.30
CA PHE F 177 35.06 -40.12 -73.19
C PHE F 177 36.43 -40.07 -73.87
N HIS F 178 37.50 -40.06 -73.10
CA HIS F 178 38.84 -40.02 -73.70
C HIS F 178 39.35 -41.41 -73.67
N LEU F 179 40.10 -41.77 -74.70
CA LEU F 179 40.77 -43.07 -74.73
C LEU F 179 41.95 -43.11 -75.68
N VAL F 180 42.94 -43.93 -75.36
CA VAL F 180 44.05 -44.22 -76.29
C VAL F 180 43.70 -45.36 -77.30
N PRO F 181 43.83 -45.09 -78.63
CA PRO F 181 43.34 -45.96 -79.70
C PRO F 181 44.25 -47.12 -80.02
N SER F 182 43.65 -48.31 -80.13
CA SER F 182 44.34 -49.55 -80.48
C SER F 182 43.46 -50.41 -81.43
N ARG F 183 44.02 -51.55 -81.77
CA ARG F 183 43.48 -52.39 -82.84
C ARG F 183 42.23 -53.15 -82.42
N SER F 184 42.22 -53.59 -81.16
CA SER F 184 41.16 -54.39 -80.60
C SER F 184 39.83 -53.63 -80.49
N MET F 185 39.80 -52.33 -80.83
CA MET F 185 38.62 -51.47 -80.59
C MET F 185 37.72 -51.22 -81.81
N ASN F 186 37.92 -52.02 -82.85
CA ASN F 186 37.07 -51.97 -84.05
C ASN F 186 35.85 -52.89 -83.97
N GLY F 187 34.66 -52.29 -84.06
CA GLY F 187 33.40 -53.01 -83.93
C GLY F 187 33.02 -53.39 -82.52
N GLN F 188 33.33 -52.48 -81.60
CA GLN F 188 32.84 -52.57 -80.23
C GLN F 188 31.88 -51.44 -79.90
N PRO F 189 30.74 -51.77 -79.26
CA PRO F 189 29.74 -50.77 -78.98
C PRO F 189 30.13 -49.89 -77.80
N LEU F 190 30.09 -48.58 -78.03
CA LEU F 190 30.32 -47.58 -77.00
C LEU F 190 29.03 -46.83 -76.78
N THR F 191 28.46 -46.97 -75.58
CA THR F 191 27.16 -46.34 -75.28
C THR F 191 27.23 -45.30 -74.14
N CYS F 192 26.32 -44.32 -74.16
CA CYS F 192 26.25 -43.27 -73.12
C CYS F 192 24.84 -43.30 -72.50
N VAL F 193 24.73 -43.96 -71.35
CA VAL F 193 23.42 -43.93 -70.66
C VAL F 193 23.23 -42.55 -70.07
N VAL F 194 22.02 -42.03 -70.22
CA VAL F 194 21.65 -40.72 -69.65
C VAL F 194 20.52 -40.82 -68.60
N SER F 195 20.87 -40.52 -67.35
CA SER F 195 19.99 -40.70 -66.22
C SER F 195 19.46 -39.34 -65.82
N HIS F 196 18.27 -39.37 -65.24
CA HIS F 196 17.56 -38.15 -64.86
C HIS F 196 16.22 -38.47 -64.21
N PRO F 197 15.76 -37.63 -63.23
CA PRO F 197 14.39 -37.68 -62.61
C PRO F 197 13.25 -37.07 -63.44
N GLY F 198 12.37 -37.90 -63.97
CA GLY F 198 11.33 -37.43 -64.96
C GLY F 198 11.22 -38.35 -66.18
N LEU F 199 11.95 -39.46 -66.12
CA LEU F 199 12.12 -40.36 -67.25
C LEU F 199 11.95 -41.81 -66.79
N LEU F 200 10.90 -42.44 -67.30
CA LEU F 200 10.48 -43.74 -66.80
C LEU F 200 11.64 -44.70 -67.02
N GLN F 201 12.08 -44.74 -68.26
CA GLN F 201 13.09 -45.66 -68.73
C GLN F 201 14.25 -44.83 -69.33
N ASP F 202 15.42 -44.94 -68.71
CA ASP F 202 16.59 -44.18 -69.12
C ASP F 202 17.00 -44.53 -70.55
N GLN F 203 17.20 -43.49 -71.34
CA GLN F 203 17.60 -43.69 -72.73
C GLN F 203 19.06 -44.09 -72.76
N ARG F 204 19.38 -44.89 -73.76
CA ARG F 204 20.75 -45.25 -74.06
C ARG F 204 21.01 -45.03 -75.55
N ILE F 205 21.93 -44.11 -75.83
CA ILE F 205 22.37 -43.89 -77.18
C ILE F 205 23.69 -44.62 -77.28
N THR F 206 23.75 -45.60 -78.19
CA THR F 206 24.98 -46.37 -78.42
C THR F 206 25.60 -46.08 -79.78
N HIS F 207 26.89 -45.76 -79.76
CA HIS F 207 27.67 -45.46 -80.95
C HIS F 207 28.75 -46.47 -81.12
N ILE F 208 28.85 -47.08 -82.30
CA ILE F 208 29.88 -48.10 -82.54
C ILE F 208 31.19 -47.50 -83.04
N LEU F 209 32.29 -47.90 -82.42
CA LEU F 209 33.62 -47.37 -82.78
C LEU F 209 34.35 -48.09 -83.94
N HIS F 210 35.00 -47.30 -84.81
CA HIS F 210 35.89 -47.82 -85.88
C HIS F 210 37.27 -47.25 -85.74
N VAL F 211 38.27 -47.99 -86.19
CA VAL F 211 39.66 -47.56 -86.04
C VAL F 211 40.60 -48.39 -86.93
N SER F 212 41.64 -47.74 -87.47
CA SER F 212 42.71 -48.35 -88.29
C SER F 212 44.04 -48.30 -87.53
N HIS F 213 45.14 -48.73 -88.17
CA HIS F 213 46.45 -48.87 -87.51
C HIS F 213 47.55 -47.94 -87.93
N HIS F 214 48.37 -48.37 -88.88
CA HIS F 214 49.57 -47.64 -89.26
C HIS F 214 49.38 -47.34 -90.70
N HIS F 215 48.99 -46.10 -90.98
CA HIS F 215 48.41 -45.73 -92.27
C HIS F 215 49.20 -44.65 -92.93
#